data_3DAQ
#
_entry.id   3DAQ
#
_cell.length_a   65.410
_cell.length_b   67.573
_cell.length_c   77.998
_cell.angle_alpha   90.13
_cell.angle_beta   68.85
_cell.angle_gamma   72.29
#
_symmetry.space_group_name_H-M   'P 1'
#
loop_
_entity.id
_entity.type
_entity.pdbx_description
1 polymer 'Dihydrodipicolinate synthase'
2 non-polymer 'CHLORIDE ION'
3 non-polymer GLYCEROL
4 water water
#
_entity_poly.entity_id   1
_entity_poly.type   'polypeptide(L)'
_entity_poly.pdbx_seq_one_letter_code
;THLFEGVGVALTTPFTNNKVNLEALKAHVNFLLENNAQAIIVNGTTAESPTLTTDEKELILKTVIDLVDKRVPVIAGTGT
NDTEKSIQASIQAKALGADAIMLITPYYNKTNQRGLVKHFEAIADAVKLPVVLYNVPSRTNMTIEPETVEILSQHPYIVA
LKDATNDFEYLEEVKKRIDTNSFALYSGNDDNVVEYYQRGGQGVISVIANVIPKEFQALYDAQQSGLDIQDQFKPIGTLL
SALSVDINPIPIKALTSYLGFGNYELRLPLVSLEDTDTKVLREAYDTFKAGE
;
_entity_poly.pdbx_strand_id   A,B,C,D
#
loop_
_chem_comp.id
_chem_comp.type
_chem_comp.name
_chem_comp.formula
CL non-polymer 'CHLORIDE ION' 'Cl -1'
GOL non-polymer GLYCEROL 'C3 H8 O3'
#
# COMPACT_ATOMS: atom_id res chain seq x y z
N THR A 1 -14.98 9.27 -27.48
N THR A 1 -14.11 8.88 -26.96
CA THR A 1 -14.09 9.62 -28.63
CA THR A 1 -13.96 9.43 -28.35
C THR A 1 -13.22 10.82 -28.27
C THR A 1 -13.22 10.76 -28.26
N HIS A 2 -11.91 10.63 -28.37
CA HIS A 2 -10.98 11.45 -27.59
C HIS A 2 -10.88 12.92 -27.94
N LEU A 3 -10.60 13.72 -26.91
CA LEU A 3 -10.37 15.13 -27.07
C LEU A 3 -9.19 15.32 -28.01
N PHE A 4 -8.16 14.51 -27.79
CA PHE A 4 -6.97 14.55 -28.63
C PHE A 4 -6.18 13.26 -28.42
N GLU A 5 -5.21 13.04 -29.30
CA GLU A 5 -4.23 12.00 -29.10
C GLU A 5 -2.88 12.63 -29.37
N GLY A 6 -1.84 12.09 -28.75
CA GLY A 6 -0.49 12.62 -28.90
C GLY A 6 -0.22 13.65 -27.83
N VAL A 7 0.45 14.73 -28.22
CA VAL A 7 1.03 15.66 -27.27
C VAL A 7 0.15 16.87 -26.97
N GLY A 8 -0.35 16.92 -25.73
CA GLY A 8 -0.95 18.14 -25.17
C GLY A 8 0.10 18.89 -24.39
N VAL A 9 0.03 20.21 -24.41
CA VAL A 9 1.05 21.02 -23.76
C VAL A 9 0.52 21.56 -22.43
N ALA A 10 1.29 21.30 -21.37
CA ALA A 10 1.02 21.86 -20.05
C ALA A 10 1.59 23.27 -20.05
N LEU A 11 0.78 24.22 -20.50
CA LEU A 11 1.26 25.57 -20.85
C LEU A 11 1.77 26.36 -19.66
N THR A 12 2.93 26.99 -19.85
CA THR A 12 3.54 27.90 -18.88
C THR A 12 2.83 29.26 -18.90
N THR A 13 3.06 30.03 -17.84
CA THR A 13 2.58 31.41 -17.75
C THR A 13 3.77 32.34 -17.87
N PRO A 14 3.79 33.22 -18.88
CA PRO A 14 4.89 34.15 -19.04
C PRO A 14 4.70 35.38 -18.16
N PHE A 15 5.71 35.70 -17.36
CA PHE A 15 5.69 36.89 -16.51
C PHE A 15 6.74 37.91 -16.98
N THR A 16 6.37 39.18 -16.91
CA THR A 16 7.29 40.28 -17.02
C THR A 16 6.98 41.22 -15.86
N ASN A 17 7.96 41.45 -14.99
CA ASN A 17 7.75 42.26 -13.79
C ASN A 17 6.53 41.76 -13.00
N ASN A 18 6.47 40.44 -12.83
CA ASN A 18 5.45 39.77 -12.04
C ASN A 18 4.02 40.00 -12.51
N LYS A 19 3.89 40.31 -13.79
CA LYS A 19 2.60 40.53 -14.40
C LYS A 19 2.51 39.59 -15.58
N VAL A 20 1.35 38.98 -15.79
CA VAL A 20 1.17 38.10 -16.92
C VAL A 20 1.35 38.89 -18.21
N ASN A 21 2.24 38.40 -19.06
CA ASN A 21 2.57 39.06 -20.31
C ASN A 21 1.71 38.44 -21.41
N LEU A 22 0.62 39.12 -21.78
CA LEU A 22 -0.33 38.55 -22.74
C LEU A 22 0.26 38.42 -24.12
N GLU A 23 1.17 39.32 -24.47
CA GLU A 23 1.80 39.29 -25.77
C GLU A 23 2.67 38.04 -25.89
N ALA A 24 3.44 37.77 -24.85
CA ALA A 24 4.25 36.57 -24.80
C ALA A 24 3.40 35.30 -24.76
N LEU A 25 2.27 35.35 -24.05
CA LEU A 25 1.35 34.21 -23.99
C LEU A 25 0.84 33.87 -25.38
N LYS A 26 0.42 34.89 -26.10
CA LYS A 26 -0.10 34.67 -27.46
C LYS A 26 1.02 34.18 -28.38
N ALA A 27 2.20 34.77 -28.28
CA ALA A 27 3.33 34.29 -29.08
C ALA A 27 3.64 32.83 -28.78
N HIS A 28 3.60 32.45 -27.51
CA HIS A 28 3.92 31.08 -27.13
C HIS A 28 2.87 30.12 -27.68
N VAL A 29 1.60 30.46 -27.50
CA VAL A 29 0.52 29.63 -28.04
C VAL A 29 0.63 29.51 -29.57
N ASN A 30 0.94 30.61 -30.25
CA ASN A 30 1.13 30.54 -31.70
C ASN A 30 2.25 29.60 -32.10
N PHE A 31 3.33 29.63 -31.33
CA PHE A 31 4.45 28.73 -31.55
C PHE A 31 4.02 27.28 -31.36
N LEU A 32 3.21 27.02 -30.36
CA LEU A 32 2.75 25.65 -30.09
C LEU A 32 1.85 25.15 -31.21
N LEU A 33 0.95 26.01 -31.66
CA LEU A 33 0.04 25.67 -32.77
C LEU A 33 0.83 25.41 -34.05
N GLU A 34 1.80 26.27 -34.33
CA GLU A 34 2.64 26.12 -35.52
C GLU A 34 3.41 24.81 -35.52
N ASN A 35 3.69 24.30 -34.34
CA ASN A 35 4.57 23.14 -34.19
C ASN A 35 3.86 21.89 -33.69
N ASN A 36 2.59 21.78 -34.07
CA ASN A 36 1.83 20.51 -34.01
CA ASN A 36 1.84 20.51 -34.01
C ASN A 36 1.42 20.05 -32.62
N ALA A 37 1.26 21.00 -31.69
CA ALA A 37 0.64 20.67 -30.40
C ALA A 37 -0.77 20.18 -30.69
N GLN A 38 -1.22 19.17 -29.95
CA GLN A 38 -2.54 18.57 -30.16
C GLN A 38 -3.61 19.07 -29.20
N ALA A 39 -3.19 19.76 -28.16
CA ALA A 39 -4.08 20.29 -27.16
C ALA A 39 -3.28 21.26 -26.31
N ILE A 40 -3.96 22.20 -25.67
CA ILE A 40 -3.29 23.11 -24.76
C ILE A 40 -4.02 23.03 -23.43
N ILE A 41 -3.27 22.67 -22.39
CA ILE A 41 -3.80 22.59 -21.03
C ILE A 41 -3.39 23.88 -20.33
N VAL A 42 -4.38 24.65 -19.92
CA VAL A 42 -4.19 26.00 -19.41
C VAL A 42 -4.41 26.03 -17.90
N ASN A 43 -3.58 26.80 -17.21
CA ASN A 43 -3.71 27.00 -15.77
C ASN A 43 -3.53 25.72 -14.96
N GLY A 44 -2.61 24.87 -15.39
CA GLY A 44 -2.24 23.69 -14.63
C GLY A 44 -1.02 23.92 -13.76
N THR A 45 -0.40 22.81 -13.36
CA THR A 45 0.76 22.84 -12.50
C THR A 45 1.89 23.68 -13.09
N THR A 46 2.11 23.48 -14.38
CA THR A 46 3.22 24.10 -15.08
C THR A 46 2.97 25.59 -15.30
N ALA A 47 1.70 25.99 -15.25
CA ALA A 47 1.28 27.38 -15.35
C ALA A 47 1.45 28.14 -14.04
N GLU A 48 1.85 27.46 -12.97
CA GLU A 48 1.93 28.06 -11.64
C GLU A 48 0.55 28.44 -11.13
N SER A 49 -0.44 27.61 -11.43
CA SER A 49 -1.81 27.92 -11.03
C SER A 49 -1.97 28.24 -9.53
N PRO A 50 -1.22 27.56 -8.63
CA PRO A 50 -1.42 27.91 -7.22
C PRO A 50 -1.13 29.36 -6.82
N THR A 51 -0.34 30.07 -7.62
CA THR A 51 0.04 31.44 -7.27
C THR A 51 -0.61 32.50 -8.15
N LEU A 52 -1.43 32.08 -9.11
CA LEU A 52 -2.14 32.99 -9.98
C LEU A 52 -3.41 33.46 -9.30
N THR A 53 -3.77 34.71 -9.54
CA THR A 53 -5.05 35.21 -9.04
C THR A 53 -6.17 34.66 -9.91
N THR A 54 -7.39 34.66 -9.40
CA THR A 54 -8.52 34.21 -10.21
C THR A 54 -8.66 35.07 -11.47
N ASP A 55 -8.50 36.38 -11.34
CA ASP A 55 -8.55 37.26 -12.52
C ASP A 55 -7.49 36.91 -13.55
N GLU A 56 -6.28 36.59 -13.09
CA GLU A 56 -5.21 36.18 -14.01
C GLU A 56 -5.58 34.89 -14.72
N LYS A 57 -6.07 33.90 -13.97
CA LYS A 57 -6.43 32.62 -14.59
C LYS A 57 -7.49 32.81 -15.65
N GLU A 58 -8.51 33.58 -15.34
CA GLU A 58 -9.58 33.79 -16.30
C GLU A 58 -9.11 34.57 -17.52
N LEU A 59 -8.22 35.53 -17.33
CA LEU A 59 -7.67 36.31 -18.43
C LEU A 59 -6.82 35.43 -19.35
N ILE A 60 -5.95 34.63 -18.74
CA ILE A 60 -5.12 33.71 -19.50
C ILE A 60 -6.00 32.75 -20.30
N LEU A 61 -6.99 32.17 -19.64
CA LEU A 61 -7.84 31.17 -20.29
C LEU A 61 -8.61 31.78 -21.46
N LYS A 62 -9.22 32.94 -21.25
CA LYS A 62 -9.94 33.59 -22.34
CA LYS A 62 -9.94 33.63 -22.33
C LYS A 62 -9.00 33.93 -23.49
N THR A 63 -7.82 34.42 -23.18
CA THR A 63 -6.84 34.76 -24.21
C THR A 63 -6.47 33.52 -25.04
N VAL A 64 -6.22 32.40 -24.38
CA VAL A 64 -5.86 31.18 -25.10
C VAL A 64 -7.04 30.65 -25.91
N ILE A 65 -8.21 30.59 -25.30
CA ILE A 65 -9.41 30.14 -26.01
C ILE A 65 -9.62 30.96 -27.29
N ASP A 66 -9.58 32.27 -27.17
CA ASP A 66 -9.86 33.14 -28.31
C ASP A 66 -8.81 33.02 -29.39
N LEU A 67 -7.55 32.86 -29.01
CA LEU A 67 -6.48 32.76 -29.99
C LEU A 67 -6.54 31.42 -30.72
N VAL A 68 -6.68 30.33 -29.97
CA VAL A 68 -6.77 29.00 -30.54
C VAL A 68 -8.00 28.83 -31.43
N ASP A 69 -9.12 29.41 -30.98
CA ASP A 69 -10.42 29.29 -31.66
C ASP A 69 -10.64 27.98 -32.39
N LYS A 70 -10.69 26.90 -31.60
CA LYS A 70 -11.12 25.60 -32.05
C LYS A 70 -10.08 24.83 -32.86
N ARG A 71 -8.86 25.35 -32.97
CA ARG A 71 -7.83 24.61 -33.71
C ARG A 71 -7.41 23.33 -33.00
N VAL A 72 -7.35 23.39 -31.67
CA VAL A 72 -7.09 22.24 -30.83
C VAL A 72 -7.93 22.41 -29.59
N PRO A 73 -8.19 21.33 -28.84
CA PRO A 73 -8.89 21.52 -27.57
C PRO A 73 -8.11 22.37 -26.57
N VAL A 74 -8.82 23.25 -25.88
CA VAL A 74 -8.26 24.04 -24.82
C VAL A 74 -8.87 23.49 -23.54
N ILE A 75 -8.01 22.94 -22.68
CA ILE A 75 -8.44 22.22 -21.50
C ILE A 75 -8.05 23.05 -20.30
N ALA A 76 -9.03 23.48 -19.53
CA ALA A 76 -8.80 24.39 -18.42
C ALA A 76 -8.56 23.62 -17.13
N GLY A 77 -7.41 23.80 -16.52
CA GLY A 77 -7.17 23.30 -15.19
C GLY A 77 -8.01 24.14 -14.27
N THR A 78 -9.01 23.53 -13.63
CA THR A 78 -9.87 24.23 -12.71
C THR A 78 -9.97 23.57 -11.34
N GLY A 79 -9.49 22.33 -11.22
CA GLY A 79 -9.64 21.60 -9.98
C GLY A 79 -8.68 22.05 -8.90
N THR A 80 -9.21 22.18 -7.68
CA THR A 80 -8.37 22.41 -6.51
C THR A 80 -8.72 21.38 -5.45
N ASN A 81 -8.22 21.59 -4.22
CA ASN A 81 -8.58 20.73 -3.10
C ASN A 81 -9.84 21.17 -2.35
N ASP A 82 -10.61 22.08 -2.95
CA ASP A 82 -11.86 22.60 -2.41
C ASP A 82 -12.93 22.33 -3.47
N THR A 83 -13.89 21.45 -3.17
CA THR A 83 -14.85 21.01 -4.17
C THR A 83 -15.71 22.17 -4.65
N GLU A 84 -16.20 22.96 -3.70
CA GLU A 84 -17.08 24.07 -4.03
C GLU A 84 -16.39 25.08 -4.94
N LYS A 85 -15.17 25.45 -4.61
CA LYS A 85 -14.43 26.40 -5.44
C LYS A 85 -14.09 25.79 -6.81
N SER A 86 -13.85 24.48 -6.84
CA SER A 86 -13.61 23.78 -8.10
C SER A 86 -14.84 23.82 -8.99
N ILE A 87 -16.02 23.69 -8.39
CA ILE A 87 -17.26 23.84 -9.16
C ILE A 87 -17.35 25.24 -9.78
N GLN A 88 -17.15 26.29 -8.98
CA GLN A 88 -17.26 27.65 -9.50
C GLN A 88 -16.28 27.89 -10.63
N ALA A 89 -15.03 27.47 -10.45
CA ALA A 89 -14.00 27.69 -11.48
C ALA A 89 -14.32 26.93 -12.75
N SER A 90 -14.86 25.73 -12.60
CA SER A 90 -15.20 24.90 -13.75
C SER A 90 -16.36 25.48 -14.56
N ILE A 91 -17.39 25.95 -13.87
CA ILE A 91 -18.52 26.60 -14.55
C ILE A 91 -18.04 27.84 -15.31
N GLN A 92 -17.14 28.60 -14.69
CA GLN A 92 -16.65 29.80 -15.35
C GLN A 92 -15.79 29.45 -16.56
N ALA A 93 -14.95 28.42 -16.44
CA ALA A 93 -14.14 27.98 -17.57
C ALA A 93 -15.03 27.58 -18.74
N LYS A 94 -16.11 26.87 -18.47
CA LYS A 94 -17.08 26.52 -19.52
C LYS A 94 -17.66 27.78 -20.16
N ALA A 95 -18.07 28.75 -19.34
CA ALA A 95 -18.63 30.00 -19.85
C ALA A 95 -17.66 30.74 -20.75
N LEU A 96 -16.37 30.65 -20.46
CA LEU A 96 -15.36 31.31 -21.29
C LEU A 96 -15.08 30.59 -22.60
N GLY A 97 -15.51 29.34 -22.71
CA GLY A 97 -15.41 28.57 -23.94
C GLY A 97 -14.42 27.42 -23.92
N ALA A 98 -14.01 26.96 -22.73
CA ALA A 98 -13.11 25.82 -22.64
C ALA A 98 -13.76 24.59 -23.22
N ASP A 99 -12.95 23.71 -23.81
CA ASP A 99 -13.47 22.48 -24.40
C ASP A 99 -13.57 21.38 -23.37
N ALA A 100 -12.75 21.47 -22.33
CA ALA A 100 -12.73 20.47 -21.27
C ALA A 100 -12.11 21.11 -20.05
N ILE A 101 -12.27 20.43 -18.92
CA ILE A 101 -11.59 20.87 -17.70
C ILE A 101 -10.72 19.73 -17.21
N MET A 102 -9.69 20.06 -16.46
CA MET A 102 -8.86 19.07 -15.81
C MET A 102 -8.95 19.25 -14.30
N LEU A 103 -9.12 18.12 -13.61
CA LEU A 103 -9.31 18.10 -12.16
C LEU A 103 -8.30 17.20 -11.49
N ILE A 104 -7.38 17.81 -10.75
CA ILE A 104 -6.46 17.07 -9.92
C ILE A 104 -7.20 16.46 -8.73
N THR A 105 -6.66 15.39 -8.16
CA THR A 105 -7.16 14.93 -6.88
C THR A 105 -6.90 16.01 -5.86
N PRO A 106 -7.64 15.98 -4.76
CA PRO A 106 -7.25 16.81 -3.65
C PRO A 106 -5.82 16.56 -3.21
N TYR A 107 -5.32 17.49 -2.41
CA TYR A 107 -3.95 17.50 -1.94
C TYR A 107 -3.96 18.35 -0.72
N TYR A 108 -2.96 18.12 0.13
CA TYR A 108 -2.85 18.73 1.44
C TYR A 108 -3.91 18.15 2.35
N ASN A 109 -5.19 18.43 2.09
CA ASN A 109 -6.24 17.73 2.83
C ASN A 109 -6.37 16.27 2.42
N LYS A 110 -6.12 15.99 1.14
CA LYS A 110 -6.40 14.69 0.54
C LYS A 110 -7.85 14.31 0.77
N THR A 111 -8.18 13.05 0.47
CA THR A 111 -9.43 12.46 0.86
C THR A 111 -9.30 10.96 0.61
N ASN A 112 -10.38 10.22 0.86
CA ASN A 112 -10.36 8.80 0.58
C ASN A 112 -11.02 8.55 -0.78
N GLN A 113 -11.14 7.29 -1.17
CA GLN A 113 -11.66 7.01 -2.52
C GLN A 113 -13.13 7.38 -2.66
N ARG A 114 -13.92 7.22 -1.60
CA ARG A 114 -15.31 7.66 -1.64
C ARG A 114 -15.41 9.18 -1.82
N GLY A 115 -14.52 9.91 -1.16
CA GLY A 115 -14.45 11.35 -1.31
C GLY A 115 -14.05 11.75 -2.71
N LEU A 116 -13.13 11.01 -3.32
CA LEU A 116 -12.78 11.30 -4.72
C LEU A 116 -14.00 11.18 -5.61
N VAL A 117 -14.77 10.12 -5.41
CA VAL A 117 -15.94 9.91 -6.24
C VAL A 117 -16.90 11.10 -6.06
N LYS A 118 -17.16 11.49 -4.81
CA LYS A 118 -18.06 12.61 -4.57
C LYS A 118 -17.53 13.91 -5.17
N HIS A 119 -16.25 14.17 -4.95
CA HIS A 119 -15.59 15.37 -5.45
C HIS A 119 -15.66 15.47 -6.97
N PHE A 120 -15.18 14.45 -7.68
CA PHE A 120 -15.12 14.51 -9.12
C PHE A 120 -16.51 14.50 -9.74
N GLU A 121 -17.41 13.68 -9.19
CA GLU A 121 -18.78 13.62 -9.76
C GLU A 121 -19.53 14.93 -9.54
N ALA A 122 -19.32 15.57 -8.38
CA ALA A 122 -19.97 16.84 -8.11
C ALA A 122 -19.56 17.89 -9.13
N ILE A 123 -18.26 17.95 -9.43
CA ILE A 123 -17.78 18.95 -10.36
C ILE A 123 -18.24 18.61 -11.79
N ALA A 124 -18.12 17.34 -12.17
CA ALA A 124 -18.60 16.89 -13.47
C ALA A 124 -20.07 17.19 -13.67
N ASP A 125 -20.88 16.90 -12.65
CA ASP A 125 -22.32 17.16 -12.70
C ASP A 125 -22.62 18.62 -12.94
N ALA A 126 -21.86 19.49 -12.28
CA ALA A 126 -22.10 20.92 -12.36
C ALA A 126 -21.70 21.49 -13.71
N VAL A 127 -20.56 21.04 -14.25
CA VAL A 127 -19.98 21.67 -15.41
C VAL A 127 -20.55 21.13 -16.72
N LYS A 128 -20.87 19.84 -16.77
CA LYS A 128 -21.43 19.23 -17.98
C LYS A 128 -20.56 19.57 -19.20
N LEU A 129 -19.28 19.25 -19.05
CA LEU A 129 -18.25 19.45 -20.05
C LEU A 129 -17.25 18.31 -19.84
N PRO A 130 -16.58 17.83 -20.90
CA PRO A 130 -15.59 16.79 -20.70
C PRO A 130 -14.57 17.08 -19.59
N VAL A 131 -14.33 16.08 -18.75
CA VAL A 131 -13.42 16.18 -17.62
C VAL A 131 -12.27 15.22 -17.79
N VAL A 132 -11.05 15.75 -17.60
CA VAL A 132 -9.84 14.97 -17.52
C VAL A 132 -9.45 14.91 -16.04
N LEU A 133 -9.42 13.70 -15.48
CA LEU A 133 -8.92 13.49 -14.13
C LEU A 133 -7.41 13.62 -14.15
N TYR A 134 -6.82 14.00 -13.03
CA TYR A 134 -5.36 14.19 -12.97
C TYR A 134 -4.86 13.59 -11.67
N ASN A 135 -4.03 12.56 -11.80
CA ASN A 135 -3.46 11.86 -10.68
C ASN A 135 -1.94 12.00 -10.69
N VAL A 136 -1.42 12.66 -9.67
CA VAL A 136 0.02 12.90 -9.55
C VAL A 136 0.43 12.73 -8.09
N PRO A 137 0.60 11.47 -7.67
CA PRO A 137 0.90 11.21 -6.26
C PRO A 137 2.16 11.88 -5.73
N SER A 138 3.13 12.17 -6.59
CA SER A 138 4.33 12.86 -6.15
C SER A 138 4.06 14.30 -5.67
N ARG A 139 2.90 14.85 -6.03
CA ARG A 139 2.50 16.17 -5.55
C ARG A 139 1.34 16.11 -4.57
N THR A 140 0.54 15.05 -4.59
CA THR A 140 -0.66 14.99 -3.76
C THR A 140 -0.59 13.99 -2.62
N ASN A 141 0.35 13.05 -2.69
CA ASN A 141 0.44 11.93 -1.75
CA ASN A 141 0.44 11.93 -1.75
C ASN A 141 -0.84 11.13 -1.63
N MET A 142 -1.62 11.12 -2.71
CA MET A 142 -2.75 10.21 -2.82
C MET A 142 -2.88 9.78 -4.27
N THR A 143 -3.76 8.81 -4.50
CA THR A 143 -3.93 8.27 -5.83
C THR A 143 -5.42 8.06 -6.12
N ILE A 144 -5.72 7.82 -7.39
CA ILE A 144 -7.04 7.41 -7.82
C ILE A 144 -6.88 5.92 -8.12
N GLU A 145 -7.41 5.09 -7.23
CA GLU A 145 -7.22 3.65 -7.38
C GLU A 145 -7.89 3.18 -8.66
N PRO A 146 -7.37 2.11 -9.29
CA PRO A 146 -7.99 1.62 -10.52
C PRO A 146 -9.51 1.44 -10.45
N GLU A 147 -10.02 0.87 -9.35
CA GLU A 147 -11.46 0.69 -9.19
C GLU A 147 -12.22 2.01 -9.17
N THR A 148 -11.58 3.05 -8.65
CA THR A 148 -12.17 4.38 -8.62
C THR A 148 -12.16 5.01 -10.01
N VAL A 149 -11.09 4.81 -10.76
CA VAL A 149 -11.05 5.26 -12.14
C VAL A 149 -12.19 4.60 -12.92
N GLU A 150 -12.41 3.31 -12.66
CA GLU A 150 -13.49 2.59 -13.34
C GLU A 150 -14.83 3.25 -13.08
N ILE A 151 -15.13 3.49 -11.81
CA ILE A 151 -16.38 4.12 -11.40
C ILE A 151 -16.53 5.48 -12.07
N LEU A 152 -15.48 6.29 -12.02
CA LEU A 152 -15.53 7.63 -12.57
C LEU A 152 -15.65 7.64 -14.07
N SER A 153 -15.02 6.66 -14.74
CA SER A 153 -15.10 6.59 -16.19
C SER A 153 -16.52 6.38 -16.69
N GLN A 154 -17.39 5.85 -15.83
CA GLN A 154 -18.80 5.62 -16.20
C GLN A 154 -19.62 6.90 -16.23
N HIS A 155 -19.14 7.96 -15.59
CA HIS A 155 -19.81 9.27 -15.64
C HIS A 155 -19.78 9.84 -17.05
N PRO A 156 -20.93 10.31 -17.58
CA PRO A 156 -20.95 10.75 -18.99
C PRO A 156 -19.93 11.83 -19.37
N TYR A 157 -19.53 12.66 -18.41
CA TYR A 157 -18.63 13.78 -18.68
C TYR A 157 -17.19 13.51 -18.29
N ILE A 158 -16.90 12.40 -17.62
CA ILE A 158 -15.53 12.10 -17.22
C ILE A 158 -14.94 11.20 -18.27
N VAL A 159 -13.98 11.73 -19.05
CA VAL A 159 -13.57 11.10 -20.32
C VAL A 159 -12.09 10.74 -20.42
N ALA A 160 -11.28 11.13 -19.44
CA ALA A 160 -9.86 10.85 -19.55
C ALA A 160 -9.16 10.97 -18.22
N LEU A 161 -7.92 10.48 -18.20
CA LEU A 161 -7.05 10.53 -17.04
C LEU A 161 -5.66 10.95 -17.46
N LYS A 162 -5.16 12.02 -16.85
CA LYS A 162 -3.77 12.37 -16.91
C LYS A 162 -3.09 11.60 -15.78
N ASP A 163 -2.30 10.61 -16.16
CA ASP A 163 -1.76 9.62 -15.25
C ASP A 163 -0.28 9.90 -15.04
N ALA A 164 0.05 10.50 -13.90
CA ALA A 164 1.45 10.76 -13.56
C ALA A 164 1.97 9.82 -12.48
N THR A 165 1.42 8.62 -12.39
CA THR A 165 1.89 7.66 -11.38
C THR A 165 3.25 7.07 -11.72
N ASN A 166 3.57 7.04 -13.02
CA ASN A 166 4.74 6.35 -13.55
CA ASN A 166 4.78 6.34 -13.48
C ASN A 166 4.78 4.87 -13.10
N ASP A 167 3.60 4.30 -12.90
CA ASP A 167 3.42 2.96 -12.40
C ASP A 167 2.73 2.15 -13.50
N PHE A 168 3.49 1.32 -14.19
CA PHE A 168 2.92 0.58 -15.31
C PHE A 168 2.07 -0.63 -14.89
N GLU A 169 2.20 -1.10 -13.65
CA GLU A 169 1.28 -2.11 -13.13
C GLU A 169 -0.08 -1.45 -12.93
N TYR A 170 -0.07 -0.26 -12.36
CA TYR A 170 -1.28 0.55 -12.22
C TYR A 170 -1.94 0.79 -13.58
N LEU A 171 -1.15 1.15 -14.59
CA LEU A 171 -1.68 1.35 -15.93
C LEU A 171 -2.41 0.11 -16.42
N GLU A 172 -1.81 -1.06 -16.24
CA GLU A 172 -2.44 -2.30 -16.68
C GLU A 172 -3.74 -2.58 -15.91
N GLU A 173 -3.76 -2.29 -14.61
CA GLU A 173 -4.98 -2.45 -13.82
C GLU A 173 -6.09 -1.50 -14.27
N VAL A 174 -5.72 -0.27 -14.60
CA VAL A 174 -6.68 0.69 -15.12
C VAL A 174 -7.20 0.24 -16.48
N LYS A 175 -6.29 -0.18 -17.37
CA LYS A 175 -6.67 -0.59 -18.72
C LYS A 175 -7.69 -1.72 -18.71
N LYS A 176 -7.53 -2.67 -17.79
CA LYS A 176 -8.47 -3.80 -17.65
C LYS A 176 -9.88 -3.37 -17.25
N ARG A 177 -10.01 -2.18 -16.68
CA ARG A 177 -11.28 -1.73 -16.11
C ARG A 177 -11.97 -0.64 -16.89
N ILE A 178 -11.29 -0.07 -17.88
CA ILE A 178 -11.88 1.02 -18.65
C ILE A 178 -11.98 0.65 -20.13
N ASP A 179 -12.81 1.41 -20.83
CA ASP A 179 -13.00 1.25 -22.26
C ASP A 179 -12.17 2.30 -22.98
N THR A 180 -11.12 1.83 -23.64
CA THR A 180 -10.15 2.70 -24.29
C THR A 180 -10.78 3.60 -25.36
N ASN A 181 -11.85 3.13 -25.99
CA ASN A 181 -12.50 3.92 -27.02
C ASN A 181 -13.15 5.19 -26.48
N SER A 182 -13.57 5.14 -25.21
CA SER A 182 -14.32 6.25 -24.61
C SER A 182 -13.60 6.92 -23.43
N PHE A 183 -12.48 6.34 -22.98
CA PHE A 183 -11.75 6.88 -21.84
C PHE A 183 -10.27 6.87 -22.17
N ALA A 184 -9.69 8.07 -22.33
CA ALA A 184 -8.30 8.21 -22.78
C ALA A 184 -7.36 8.23 -21.59
N LEU A 185 -6.18 7.66 -21.80
CA LEU A 185 -5.13 7.61 -20.79
C LEU A 185 -3.96 8.40 -21.34
N TYR A 186 -3.64 9.52 -20.68
CA TYR A 186 -2.53 10.40 -21.08
C TYR A 186 -1.45 10.34 -20.02
N SER A 187 -0.22 10.14 -20.45
CA SER A 187 0.89 10.20 -19.51
C SER A 187 1.01 11.62 -18.97
N GLY A 188 1.36 11.71 -17.69
CA GLY A 188 1.71 12.98 -17.07
C GLY A 188 3.19 13.05 -16.75
N ASN A 189 3.99 12.17 -17.35
CA ASN A 189 5.44 12.20 -17.17
C ASN A 189 6.13 12.03 -18.52
N ASP A 190 6.73 13.12 -19.01
CA ASP A 190 7.44 13.11 -20.29
C ASP A 190 8.42 11.96 -20.44
N ASP A 191 9.06 11.55 -19.35
CA ASP A 191 10.12 10.55 -19.40
C ASP A 191 9.66 9.17 -19.83
N ASN A 192 8.37 8.88 -19.66
CA ASN A 192 7.90 7.51 -19.83
C ASN A 192 7.15 7.23 -21.13
N VAL A 193 7.12 8.19 -22.05
CA VAL A 193 6.23 8.11 -23.20
C VAL A 193 6.47 6.92 -24.14
N VAL A 194 7.73 6.51 -24.30
CA VAL A 194 8.03 5.33 -25.14
C VAL A 194 7.24 4.12 -24.64
N GLU A 195 7.38 3.80 -23.36
CA GLU A 195 6.64 2.68 -22.75
C GLU A 195 5.14 2.99 -22.67
N TYR A 196 4.77 4.25 -22.44
CA TYR A 196 3.37 4.58 -22.28
C TYR A 196 2.61 4.39 -23.57
N TYR A 197 3.22 4.81 -24.68
CA TYR A 197 2.61 4.63 -25.99
C TYR A 197 2.52 3.16 -26.37
N GLN A 198 3.53 2.39 -25.98
CA GLN A 198 3.57 0.96 -26.33
C GLN A 198 2.70 0.11 -25.41
N ARG A 199 2.39 0.61 -24.21
CA ARG A 199 1.38 -0.02 -23.36
C ARG A 199 -0.04 0.50 -23.70
N GLY A 200 -0.17 1.31 -24.73
CA GLY A 200 -1.48 1.65 -25.31
C GLY A 200 -2.10 2.97 -24.85
N GLY A 201 -1.26 3.90 -24.40
CA GLY A 201 -1.72 5.22 -23.99
C GLY A 201 -2.09 6.08 -25.19
N GLN A 202 -2.93 7.09 -24.95
CA GLN A 202 -3.45 7.96 -26.01
C GLN A 202 -2.60 9.20 -26.27
N GLY A 203 -1.62 9.43 -25.40
CA GLY A 203 -0.74 10.58 -25.56
C GLY A 203 -0.15 10.99 -24.24
N VAL A 204 0.16 12.27 -24.14
CA VAL A 204 0.87 12.82 -23.00
C VAL A 204 0.45 14.25 -22.83
N ILE A 205 0.42 14.71 -21.59
CA ILE A 205 0.24 16.13 -21.30
C ILE A 205 1.59 16.58 -20.75
N SER A 206 2.27 17.39 -21.55
CA SER A 206 3.73 17.49 -21.52
C SER A 206 4.28 18.83 -21.08
N VAL A 207 5.31 18.78 -20.24
CA VAL A 207 6.07 19.97 -19.88
C VAL A 207 7.07 20.34 -20.98
N ILE A 208 7.83 19.39 -21.47
CA ILE A 208 8.90 19.70 -22.44
C ILE A 208 8.31 20.19 -23.77
N ALA A 209 7.08 19.80 -24.06
CA ALA A 209 6.39 20.29 -25.26
C ALA A 209 6.17 21.81 -25.26
N ASN A 210 6.39 22.48 -24.14
CA ASN A 210 6.41 23.94 -24.15
C ASN A 210 7.49 24.50 -25.06
N VAL A 211 8.56 23.74 -25.26
CA VAL A 211 9.68 24.22 -26.07
C VAL A 211 10.08 23.34 -27.25
N ILE A 212 9.77 22.04 -27.20
CA ILE A 212 10.00 21.16 -28.35
C ILE A 212 8.73 20.40 -28.74
N PRO A 213 7.62 21.13 -28.99
CA PRO A 213 6.36 20.49 -29.33
C PRO A 213 6.47 19.61 -30.58
N LYS A 214 7.18 20.11 -31.60
CA LYS A 214 7.22 19.38 -32.87
C LYS A 214 7.93 18.03 -32.72
N GLU A 215 9.07 18.04 -32.06
CA GLU A 215 9.86 16.84 -31.86
C GLU A 215 9.13 15.85 -30.96
N PHE A 216 8.47 16.36 -29.93
CA PHE A 216 7.79 15.48 -29.00
C PHE A 216 6.54 14.85 -29.64
N GLN A 217 5.80 15.63 -30.43
CA GLN A 217 4.68 15.07 -31.20
C GLN A 217 5.16 14.07 -32.24
N ALA A 218 6.35 14.30 -32.80
CA ALA A 218 6.89 13.40 -33.83
C ALA A 218 7.11 12.00 -33.28
N LEU A 219 7.44 11.89 -31.99
CA LEU A 219 7.55 10.58 -31.33
C LEU A 219 6.24 9.83 -31.38
N TYR A 220 5.17 10.51 -31.02
CA TYR A 220 3.86 9.89 -30.97
C TYR A 220 3.45 9.42 -32.36
N ASP A 221 3.59 10.31 -33.34
CA ASP A 221 3.22 9.98 -34.71
C ASP A 221 4.09 8.84 -35.26
N ALA A 222 5.38 8.87 -34.93
CA ALA A 222 6.30 7.81 -35.35
C ALA A 222 5.82 6.44 -34.85
N GLN A 223 5.54 6.33 -33.56
CA GLN A 223 5.10 5.05 -33.01
C GLN A 223 3.70 4.66 -33.49
N GLN A 224 2.84 5.66 -33.77
CA GLN A 224 1.52 5.44 -34.35
C GLN A 224 1.62 4.72 -35.70
N SER A 225 2.66 5.07 -36.46
CA SER A 225 2.90 4.49 -37.77
C SER A 225 3.57 3.12 -37.68
N GLY A 226 3.92 2.67 -36.48
CA GLY A 226 4.48 1.34 -36.26
C GLY A 226 5.99 1.30 -36.07
N LEU A 227 6.63 2.47 -36.01
CA LEU A 227 8.06 2.54 -35.79
C LEU A 227 8.36 2.44 -34.32
N ASP A 228 9.45 1.78 -34.00
CA ASP A 228 10.01 1.81 -32.67
C ASP A 228 10.88 3.03 -32.36
N ILE A 229 10.67 3.68 -31.22
CA ILE A 229 10.83 5.13 -31.09
C ILE A 229 11.86 5.26 -29.93
N GLN A 230 12.40 4.13 -29.47
CA GLN A 230 13.36 4.09 -28.38
C GLN A 230 14.60 4.91 -28.70
N ASP A 231 15.17 4.69 -29.88
CA ASP A 231 16.36 5.41 -30.30
C ASP A 231 16.04 6.89 -30.62
N GLN A 232 14.88 7.15 -31.22
CA GLN A 232 14.42 8.51 -31.49
C GLN A 232 14.25 9.32 -30.21
N PHE A 233 13.80 8.66 -29.15
CA PHE A 233 13.60 9.31 -27.87
C PHE A 233 14.91 9.72 -27.19
N LYS A 234 15.99 8.96 -27.44
CA LYS A 234 17.24 9.15 -26.71
C LYS A 234 17.71 10.60 -26.50
N PRO A 235 17.81 11.42 -27.56
CA PRO A 235 18.22 12.83 -27.35
C PRO A 235 17.20 13.66 -26.56
N ILE A 236 15.92 13.34 -26.70
CA ILE A 236 14.89 14.00 -25.87
C ILE A 236 15.08 13.58 -24.42
N GLY A 237 15.38 12.31 -24.17
CA GLY A 237 15.68 11.82 -22.83
C GLY A 237 16.84 12.56 -22.18
N THR A 238 17.87 12.85 -22.97
CA THR A 238 19.00 13.60 -22.47
C THR A 238 18.59 15.02 -22.04
N LEU A 239 17.74 15.66 -22.84
CA LEU A 239 17.23 17.00 -22.49
C LEU A 239 16.34 16.94 -21.24
N LEU A 240 15.52 15.89 -21.15
CA LEU A 240 14.66 15.71 -19.98
C LEU A 240 15.47 15.50 -18.73
N SER A 241 16.61 14.82 -18.84
CA SER A 241 17.49 14.62 -17.69
CA SER A 241 17.48 14.63 -17.69
C SER A 241 18.01 15.98 -17.21
N ALA A 242 18.40 16.83 -18.14
CA ALA A 242 18.82 18.19 -17.80
C ALA A 242 17.69 18.95 -17.12
N LEU A 243 16.46 18.75 -17.60
CA LEU A 243 15.30 19.45 -17.06
C LEU A 243 14.96 19.01 -15.62
N SER A 244 15.50 17.88 -15.18
CA SER A 244 15.17 17.34 -13.86
C SER A 244 15.94 18.02 -12.73
N VAL A 245 16.72 19.05 -13.06
CA VAL A 245 17.55 19.75 -12.09
C VAL A 245 16.75 20.36 -10.93
N ASP A 246 15.47 20.67 -11.15
CA ASP A 246 14.62 21.17 -10.07
C ASP A 246 13.16 20.88 -10.37
N ILE A 247 12.29 21.27 -9.43
CA ILE A 247 10.87 20.97 -9.51
C ILE A 247 10.20 21.79 -10.61
N ASN A 248 9.49 21.12 -11.50
CA ASN A 248 8.73 21.79 -12.54
C ASN A 248 7.73 22.76 -11.90
N PRO A 249 7.57 23.96 -12.47
CA PRO A 249 8.16 24.54 -13.68
C PRO A 249 9.42 25.40 -13.51
N ILE A 250 10.17 25.22 -12.43
CA ILE A 250 11.38 26.00 -12.27
C ILE A 250 12.33 25.86 -13.48
N PRO A 251 12.65 24.62 -13.91
CA PRO A 251 13.52 24.46 -15.07
C PRO A 251 12.90 24.84 -16.42
N ILE A 252 11.66 24.42 -16.70
CA ILE A 252 11.10 24.69 -18.02
C ILE A 252 11.01 26.18 -18.31
N LYS A 253 10.78 27.00 -17.29
CA LYS A 253 10.71 28.45 -17.50
C LYS A 253 12.07 29.06 -17.88
N ALA A 254 13.16 28.37 -17.55
CA ALA A 254 14.48 28.77 -18.06
C ALA A 254 14.53 28.67 -19.57
N LEU A 255 13.78 27.72 -20.14
CA LEU A 255 13.76 27.49 -21.58
C LEU A 255 12.70 28.31 -22.30
N THR A 256 11.51 28.47 -21.72
CA THR A 256 10.50 29.29 -22.37
C THR A 256 10.95 30.76 -22.46
N SER A 257 11.55 31.25 -21.38
CA SER A 257 12.13 32.59 -21.38
C SER A 257 13.24 32.71 -22.42
N TYR A 258 14.06 31.66 -22.54
CA TYR A 258 15.15 31.62 -23.51
C TYR A 258 14.65 31.74 -24.94
N LEU A 259 13.47 31.18 -25.20
CA LEU A 259 12.83 31.26 -26.51
C LEU A 259 12.06 32.57 -26.73
N GLY A 260 12.08 33.47 -25.75
CA GLY A 260 11.48 34.80 -25.88
C GLY A 260 10.09 34.99 -25.28
N PHE A 261 9.59 34.01 -24.53
CA PHE A 261 8.28 34.07 -23.87
C PHE A 261 8.72 34.38 -22.45
N GLY A 262 8.91 35.65 -22.13
CA GLY A 262 8.36 36.27 -20.97
C GLY A 262 9.77 36.30 -20.32
N ASN A 263 9.95 36.82 -19.12
CA ASN A 263 11.26 36.78 -18.46
C ASN A 263 11.43 35.50 -17.66
N TYR A 264 12.66 35.21 -17.21
CA TYR A 264 12.84 34.02 -16.38
C TYR A 264 12.46 34.36 -14.95
N GLU A 265 11.17 34.30 -14.69
CA GLU A 265 10.61 34.69 -13.42
C GLU A 265 9.61 33.64 -12.99
N LEU A 266 9.71 33.21 -11.74
CA LEU A 266 8.73 32.36 -11.09
C LEU A 266 8.12 33.16 -9.97
N ARG A 267 6.87 32.85 -9.65
CA ARG A 267 6.21 33.51 -8.55
C ARG A 267 6.39 32.71 -7.26
N LEU A 268 6.70 33.40 -6.16
CA LEU A 268 6.90 32.74 -4.89
C LEU A 268 5.67 31.91 -4.52
N PRO A 269 5.90 30.73 -3.94
CA PRO A 269 7.14 30.23 -3.35
C PRO A 269 8.16 29.63 -4.30
N LEU A 270 7.85 29.49 -5.60
CA LEU A 270 8.85 29.03 -6.54
C LEU A 270 9.90 30.10 -6.76
N VAL A 271 11.08 29.68 -7.16
CA VAL A 271 12.17 30.58 -7.49
C VAL A 271 12.88 30.11 -8.75
N SER A 272 13.58 31.02 -9.43
CA SER A 272 14.34 30.66 -10.61
C SER A 272 15.56 29.84 -10.24
N LEU A 273 16.07 29.07 -11.18
CA LEU A 273 17.39 28.44 -11.02
C LEU A 273 18.43 29.52 -10.85
N GLU A 274 19.53 29.17 -10.20
CA GLU A 274 20.68 30.07 -10.13
C GLU A 274 21.36 30.09 -11.50
N ASP A 275 22.19 31.09 -11.72
CA ASP A 275 22.73 31.35 -13.07
C ASP A 275 23.50 30.17 -13.68
N THR A 276 24.33 29.52 -12.88
CA THR A 276 25.10 28.39 -13.40
C THR A 276 24.19 27.28 -13.92
N ASP A 277 23.15 26.96 -13.16
CA ASP A 277 22.21 25.92 -13.58
C ASP A 277 21.38 26.37 -14.77
N THR A 278 21.00 27.64 -14.80
CA THR A 278 20.26 28.19 -15.93
C THR A 278 21.07 28.03 -17.21
N LYS A 279 22.35 28.37 -17.14
CA LYS A 279 23.25 28.25 -18.29
C LYS A 279 23.36 26.81 -18.77
N VAL A 280 23.56 25.87 -17.85
CA VAL A 280 23.71 24.46 -18.22
C VAL A 280 22.45 23.92 -18.90
N LEU A 281 21.29 24.26 -18.37
CA LEU A 281 20.03 23.78 -18.96
C LEU A 281 19.79 24.39 -20.34
N ARG A 282 20.06 25.67 -20.48
CA ARG A 282 19.95 26.32 -21.80
C ARG A 282 20.94 25.70 -22.79
N GLU A 283 22.13 25.36 -22.32
CA GLU A 283 23.11 24.66 -23.15
C GLU A 283 22.62 23.27 -23.58
N ALA A 284 21.91 22.59 -22.69
CA ALA A 284 21.34 21.28 -23.01
C ALA A 284 20.27 21.42 -24.09
N TYR A 285 19.46 22.47 -23.99
CA TYR A 285 18.47 22.74 -25.02
C TYR A 285 19.17 23.00 -26.36
N ASP A 286 20.19 23.85 -26.36
CA ASP A 286 20.90 24.18 -27.60
C ASP A 286 21.55 22.93 -28.20
N THR A 287 22.10 22.08 -27.34
CA THR A 287 22.71 20.83 -27.78
C THR A 287 21.68 19.94 -28.46
N PHE A 288 20.49 19.84 -27.87
CA PHE A 288 19.42 19.06 -28.47
C PHE A 288 19.06 19.60 -29.87
N LYS A 289 18.90 20.91 -29.99
CA LYS A 289 18.50 21.50 -31.26
C LYS A 289 19.61 21.36 -32.30
N ALA A 290 20.85 21.58 -31.86
CA ALA A 290 22.06 21.35 -32.70
C ALA A 290 21.87 20.01 -33.40
N GLY A 291 21.41 19.00 -32.66
CA GLY A 291 21.91 17.65 -32.78
C GLY A 291 20.91 17.10 -33.82
N GLU A 292 19.83 17.84 -34.08
CA GLU A 292 18.85 17.50 -35.11
C GLU A 292 19.35 17.88 -36.50
N THR B 1 10.75 33.85 25.55
CA THR B 1 9.74 32.94 26.15
C THR B 1 8.98 32.22 25.03
N HIS B 2 8.88 30.89 25.14
CA HIS B 2 8.10 30.12 24.18
C HIS B 2 6.66 30.55 24.22
N LEU B 3 5.97 30.46 23.09
CA LEU B 3 4.54 30.74 23.05
C LEU B 3 3.80 29.89 24.07
N PHE B 4 4.15 28.62 24.14
CA PHE B 4 3.55 27.68 25.07
C PHE B 4 4.43 26.46 25.18
N GLU B 5 4.17 25.63 26.18
CA GLU B 5 4.75 24.32 26.27
C GLU B 5 3.62 23.36 26.57
N GLY B 6 3.76 22.12 26.11
CA GLY B 6 2.72 21.13 26.31
C GLY B 6 1.78 21.08 25.12
N VAL B 7 0.50 20.90 25.41
CA VAL B 7 -0.47 20.53 24.38
C VAL B 7 -1.20 21.73 23.80
N GLY B 8 -0.88 22.05 22.56
CA GLY B 8 -1.68 22.94 21.75
C GLY B 8 -2.72 22.13 20.99
N VAL B 9 -3.90 22.70 20.76
CA VAL B 9 -4.97 21.95 20.09
C VAL B 9 -5.12 22.40 18.65
N ALA B 10 -5.08 21.43 17.73
CA ALA B 10 -5.36 21.69 16.32
C ALA B 10 -6.87 21.70 16.16
N LEU B 11 -7.46 22.86 16.35
CA LEU B 11 -8.91 23.00 16.56
C LEU B 11 -9.72 22.61 15.33
N THR B 12 -10.72 21.77 15.54
CA THR B 12 -11.69 21.41 14.51
C THR B 12 -12.69 22.56 14.26
N THR B 13 -13.39 22.48 13.13
CA THR B 13 -14.45 23.41 12.77
C THR B 13 -15.79 22.69 12.87
N PRO B 14 -16.68 23.17 13.75
CA PRO B 14 -17.98 22.53 13.88
C PRO B 14 -18.94 23.03 12.81
N PHE B 15 -19.55 22.09 12.09
CA PHE B 15 -20.52 22.40 11.06
C PHE B 15 -21.89 21.89 11.48
N THR B 16 -22.90 22.70 11.19
CA THR B 16 -24.28 22.26 11.25
C THR B 16 -24.92 22.71 9.94
N ASN B 17 -25.41 21.76 9.16
CA ASN B 17 -25.94 22.05 7.82
C ASN B 17 -24.96 22.85 6.98
N ASN B 18 -23.70 22.39 7.00
CA ASN B 18 -22.63 22.96 6.20
C ASN B 18 -22.36 24.44 6.51
N LYS B 19 -22.72 24.86 7.72
CA LYS B 19 -22.50 26.22 8.19
C LYS B 19 -21.70 26.14 9.47
N VAL B 20 -20.72 27.02 9.62
CA VAL B 20 -19.94 27.05 10.84
C VAL B 20 -20.87 27.37 12.01
N ASN B 21 -20.84 26.53 13.02
CA ASN B 21 -21.71 26.67 14.18
C ASN B 21 -20.93 27.39 15.28
N LEU B 22 -21.15 28.71 15.42
CA LEU B 22 -20.38 29.50 16.36
C LEU B 22 -20.64 29.12 17.80
N GLU B 23 -21.87 28.69 18.10
CA GLU B 23 -22.20 28.25 19.44
C GLU B 23 -21.40 27.02 19.83
N ALA B 24 -21.32 26.06 18.91
CA ALA B 24 -20.53 24.86 19.14
C ALA B 24 -19.04 25.18 19.19
N LEU B 25 -18.60 26.12 18.36
CA LEU B 25 -17.20 26.55 18.36
C LEU B 25 -16.83 27.09 19.73
N LYS B 26 -17.67 27.96 20.26
CA LYS B 26 -17.42 28.56 21.57
C LYS B 26 -17.46 27.50 22.66
N ALA B 27 -18.44 26.61 22.61
CA ALA B 27 -18.53 25.55 23.59
C ALA B 27 -17.30 24.64 23.54
N HIS B 28 -16.83 24.35 22.34
CA HIS B 28 -15.63 23.51 22.21
C HIS B 28 -14.40 24.20 22.77
N VAL B 29 -14.20 25.46 22.42
CA VAL B 29 -13.07 26.21 22.94
C VAL B 29 -13.14 26.29 24.47
N ASN B 30 -14.33 26.56 25.00
CA ASN B 30 -14.50 26.57 26.46
C ASN B 30 -14.11 25.24 27.10
N PHE B 31 -14.45 24.14 26.46
CA PHE B 31 -14.11 22.81 26.93
C PHE B 31 -12.60 22.61 26.92
N LEU B 32 -11.93 23.10 25.88
CA LEU B 32 -10.48 22.96 25.78
C LEU B 32 -9.79 23.78 26.87
N LEU B 33 -10.28 25.00 27.08
CA LEU B 33 -9.70 25.88 28.10
C LEU B 33 -9.88 25.28 29.47
N GLU B 34 -11.07 24.76 29.74
CA GLU B 34 -11.37 24.15 31.03
C GLU B 34 -10.49 22.94 31.31
N ASN B 35 -10.03 22.28 30.25
CA ASN B 35 -9.29 21.03 30.38
C ASN B 35 -7.82 21.18 29.99
N ASN B 36 -7.29 22.38 30.21
CA ASN B 36 -5.86 22.62 30.26
C ASN B 36 -5.13 22.64 28.92
N ALA B 37 -5.85 22.93 27.83
CA ALA B 37 -5.17 23.24 26.58
C ALA B 37 -4.21 24.41 26.83
N GLN B 38 -3.04 24.34 26.20
CA GLN B 38 -2.00 25.34 26.38
C GLN B 38 -1.93 26.34 25.26
N ALA B 39 -2.64 26.06 24.17
CA ALA B 39 -2.66 26.93 23.00
C ALA B 39 -3.78 26.43 22.11
N ILE B 40 -4.32 27.33 21.29
CA ILE B 40 -5.34 26.93 20.32
C ILE B 40 -4.82 27.33 18.94
N ILE B 41 -4.68 26.34 18.06
CA ILE B 41 -4.23 26.56 16.70
C ILE B 41 -5.48 26.55 15.84
N VAL B 42 -5.76 27.67 15.20
CA VAL B 42 -7.04 27.90 14.54
C VAL B 42 -6.84 27.89 13.03
N ASN B 43 -7.79 27.32 12.31
CA ASN B 43 -7.77 27.28 10.83
C ASN B 43 -6.60 26.53 10.26
N GLY B 44 -6.22 25.45 10.93
CA GLY B 44 -5.20 24.55 10.42
C GLY B 44 -5.79 23.36 9.66
N THR B 45 -4.98 22.33 9.48
CA THR B 45 -5.38 21.16 8.73
C THR B 45 -6.64 20.51 9.32
N THR B 46 -6.68 20.43 10.63
CA THR B 46 -7.73 19.75 11.33
C THR B 46 -9.04 20.55 11.30
N ALA B 47 -8.90 21.86 11.05
CA ALA B 47 -10.04 22.75 10.89
C ALA B 47 -10.64 22.70 9.49
N GLU B 48 -10.07 21.89 8.60
CA GLU B 48 -10.50 21.83 7.21
C GLU B 48 -10.26 23.16 6.48
N SER B 49 -9.15 23.80 6.81
CA SER B 49 -8.85 25.11 6.23
C SER B 49 -8.94 25.15 4.70
N PRO B 50 -8.52 24.08 3.99
CA PRO B 50 -8.63 24.19 2.52
C PRO B 50 -10.02 24.39 1.94
N THR B 51 -11.06 24.08 2.71
CA THR B 51 -12.42 24.18 2.20
C THR B 51 -13.23 25.30 2.85
N LEU B 52 -12.63 26.02 3.80
CA LEU B 52 -13.29 27.16 4.43
C LEU B 52 -13.17 28.39 3.55
N THR B 53 -14.19 29.23 3.57
CA THR B 53 -14.11 30.52 2.88
C THR B 53 -13.25 31.46 3.71
N THR B 54 -12.76 32.52 3.08
CA THR B 54 -11.99 33.50 3.82
C THR B 54 -12.84 34.12 4.94
N ASP B 55 -14.10 34.40 4.64
CA ASP B 55 -14.98 34.97 5.66
C ASP B 55 -15.18 34.03 6.84
N GLU B 56 -15.32 32.74 6.56
CA GLU B 56 -15.43 31.75 7.64
C GLU B 56 -14.16 31.72 8.50
N LYS B 57 -13.00 31.66 7.85
CA LYS B 57 -11.75 31.64 8.59
C LYS B 57 -11.62 32.85 9.52
N GLU B 58 -11.94 34.03 8.98
CA GLU B 58 -11.83 35.27 9.76
C GLU B 58 -12.83 35.30 10.92
N LEU B 59 -14.03 34.81 10.68
CA LEU B 59 -15.07 34.74 11.71
C LEU B 59 -14.69 33.79 12.83
N ILE B 60 -14.20 32.61 12.44
CA ILE B 60 -13.76 31.63 13.41
C ILE B 60 -12.62 32.19 14.24
N LEU B 61 -11.64 32.77 13.57
CA LEU B 61 -10.47 33.28 14.27
C LEU B 61 -10.85 34.39 15.26
N LYS B 62 -11.66 35.35 14.81
CA LYS B 62 -12.07 36.43 15.70
CA LYS B 62 -12.12 36.44 15.70
C LYS B 62 -12.87 35.87 16.89
N THR B 63 -13.74 34.90 16.63
CA THR B 63 -14.54 34.30 17.69
C THR B 63 -13.66 33.63 18.74
N VAL B 64 -12.65 32.89 18.29
CA VAL B 64 -11.73 32.23 19.21
C VAL B 64 -10.88 33.24 19.98
N ILE B 65 -10.34 34.24 19.26
CA ILE B 65 -9.53 35.27 19.91
C ILE B 65 -10.32 35.95 21.02
N ASP B 66 -11.55 36.34 20.71
CA ASP B 66 -12.34 37.11 21.67
C ASP B 66 -12.73 36.27 22.87
N LEU B 67 -13.01 34.98 22.65
CA LEU B 67 -13.41 34.09 23.73
C LEU B 67 -12.24 33.78 24.65
N VAL B 68 -11.11 33.43 24.06
CA VAL B 68 -9.90 33.07 24.82
C VAL B 68 -9.35 34.27 25.59
N ASP B 69 -9.42 35.45 24.97
CA ASP B 69 -8.88 36.70 25.49
C ASP B 69 -7.66 36.51 26.39
N LYS B 70 -6.58 36.06 25.76
CA LYS B 70 -5.24 36.02 26.35
CA LYS B 70 -5.25 36.03 26.37
C LYS B 70 -5.01 34.90 27.37
N ARG B 71 -5.98 33.99 27.53
CA ARG B 71 -5.75 32.87 28.44
C ARG B 71 -4.69 31.90 27.96
N VAL B 72 -4.66 31.67 26.64
CA VAL B 72 -3.61 30.89 25.99
C VAL B 72 -3.35 31.57 24.65
N PRO B 73 -2.18 31.31 24.05
CA PRO B 73 -1.95 31.85 22.71
C PRO B 73 -2.92 31.29 21.69
N VAL B 74 -3.41 32.17 20.83
CA VAL B 74 -4.23 31.77 19.70
C VAL B 74 -3.34 31.94 18.48
N ILE B 75 -3.08 30.82 17.82
CA ILE B 75 -2.14 30.73 16.72
C ILE B 75 -2.94 30.48 15.47
N ALA B 76 -2.89 31.44 14.54
CA ALA B 76 -3.69 31.39 13.34
C ALA B 76 -2.94 30.69 12.22
N GLY B 77 -3.50 29.60 11.69
CA GLY B 77 -2.97 28.99 10.48
C GLY B 77 -3.32 29.93 9.35
N THR B 78 -2.31 30.52 8.74
CA THR B 78 -2.52 31.45 7.63
C THR B 78 -1.76 31.08 6.37
N GLY B 79 -0.81 30.17 6.47
CA GLY B 79 0.07 29.87 5.37
C GLY B 79 -0.58 28.95 4.36
N THR B 80 -0.39 29.28 3.09
CA THR B 80 -0.80 28.40 2.00
C THR B 80 0.39 28.20 1.06
N ASN B 81 0.12 27.66 -0.12
CA ASN B 81 1.15 27.48 -1.12
C ASN B 81 1.31 28.68 -2.05
N ASP B 82 0.75 29.82 -1.67
CA ASP B 82 0.81 31.07 -2.44
C ASP B 82 1.36 32.13 -1.46
N THR B 83 2.57 32.60 -1.70
CA THR B 83 3.24 33.48 -0.75
C THR B 83 2.48 34.77 -0.55
N GLU B 84 2.05 35.38 -1.66
CA GLU B 84 1.32 36.64 -1.57
C GLU B 84 0.03 36.51 -0.77
N LYS B 85 -0.74 35.46 -1.05
CA LYS B 85 -1.97 35.24 -0.28
C LYS B 85 -1.69 34.92 1.18
N SER B 86 -0.59 34.22 1.44
CA SER B 86 -0.20 33.95 2.82
C SER B 86 0.12 35.23 3.57
N ILE B 87 0.80 36.17 2.89
CA ILE B 87 1.08 37.48 3.47
C ILE B 87 -0.22 38.18 3.87
N GLN B 88 -1.17 38.23 2.94
CA GLN B 88 -2.43 38.92 3.19
C GLN B 88 -3.16 38.32 4.38
N ALA B 89 -3.23 36.99 4.41
CA ALA B 89 -3.95 36.32 5.49
C ALA B 89 -3.26 36.52 6.83
N SER B 90 -1.94 36.55 6.82
CA SER B 90 -1.16 36.71 8.04
C SER B 90 -1.34 38.10 8.63
N ILE B 91 -1.27 39.11 7.78
CA ILE B 91 -1.51 40.49 8.21
C ILE B 91 -2.92 40.64 8.80
N GLN B 92 -3.91 40.04 8.16
CA GLN B 92 -5.26 40.11 8.69
C GLN B 92 -5.42 39.37 10.01
N ALA B 93 -4.76 38.22 10.16
CA ALA B 93 -4.81 37.50 11.44
C ALA B 93 -4.24 38.35 12.56
N LYS B 94 -3.14 39.05 12.29
CA LYS B 94 -2.54 39.93 13.28
C LYS B 94 -3.54 41.02 13.66
N ALA B 95 -4.18 41.60 12.64
CA ALA B 95 -5.14 42.69 12.88
C ALA B 95 -6.30 42.22 13.75
N LEU B 96 -6.72 40.97 13.58
CA LEU B 96 -7.79 40.40 14.38
C LEU B 96 -7.38 40.08 15.82
N GLY B 97 -6.07 40.05 16.07
CA GLY B 97 -5.53 39.86 17.41
C GLY B 97 -4.85 38.52 17.68
N ALA B 98 -4.49 37.78 16.62
CA ALA B 98 -3.77 36.53 16.80
C ALA B 98 -2.43 36.77 17.48
N ASP B 99 -2.02 35.82 18.32
CA ASP B 99 -0.74 35.91 19.01
C ASP B 99 0.42 35.43 18.15
N ALA B 100 0.11 34.57 17.19
CA ALA B 100 1.12 34.02 16.32
C ALA B 100 0.42 33.51 15.08
N ILE B 101 1.21 33.23 14.06
CA ILE B 101 0.70 32.56 12.89
C ILE B 101 1.47 31.27 12.68
N MET B 102 0.83 30.33 11.98
CA MET B 102 1.48 29.09 11.61
C MET B 102 1.52 29.00 10.09
N LEU B 103 2.69 28.65 9.55
CA LEU B 103 2.92 28.57 8.11
C LEU B 103 3.42 27.21 7.69
N ILE B 104 2.57 26.47 6.96
CA ILE B 104 2.97 25.21 6.35
C ILE B 104 3.93 25.48 5.21
N THR B 105 4.77 24.50 4.86
CA THR B 105 5.53 24.62 3.62
C THR B 105 4.55 24.62 2.45
N PRO B 106 4.99 25.11 1.29
CA PRO B 106 4.20 24.86 0.12
C PRO B 106 3.92 23.38 -0.13
N TYR B 107 2.94 23.15 -0.97
CA TYR B 107 2.43 21.83 -1.30
C TYR B 107 1.78 21.97 -2.66
N TYR B 108 1.73 20.86 -3.36
CA TYR B 108 1.26 20.78 -4.73
C TYR B 108 2.28 21.42 -5.67
N ASN B 109 2.49 22.74 -5.59
CA ASN B 109 3.62 23.34 -6.30
C ASN B 109 4.96 22.93 -5.69
N LYS B 110 4.99 22.84 -4.37
CA LYS B 110 6.23 22.68 -3.61
C LYS B 110 7.18 23.84 -3.94
N THR B 111 8.42 23.71 -3.48
CA THR B 111 9.49 24.58 -3.90
C THR B 111 10.79 23.93 -3.43
N ASN B 112 11.91 24.58 -3.69
CA ASN B 112 13.20 24.10 -3.20
C ASN B 112 13.52 24.81 -1.88
N GLN B 113 14.66 24.51 -1.28
CA GLN B 113 14.97 25.08 0.02
C GLN B 113 15.21 26.60 -0.06
N ARG B 114 15.76 27.09 -1.16
CA ARG B 114 15.91 28.54 -1.34
C ARG B 114 14.55 29.21 -1.38
N GLY B 115 13.61 28.60 -2.09
CA GLY B 115 12.24 29.10 -2.13
C GLY B 115 11.57 29.09 -0.78
N LEU B 116 11.83 28.08 0.05
CA LEU B 116 11.26 28.04 1.40
C LEU B 116 11.75 29.24 2.19
N VAL B 117 13.04 29.51 2.11
CA VAL B 117 13.57 30.65 2.84
C VAL B 117 12.88 31.95 2.37
N LYS B 118 12.77 32.16 1.06
CA LYS B 118 12.13 33.38 0.58
C LYS B 118 10.66 33.47 1.01
N HIS B 119 9.94 32.36 0.90
CA HIS B 119 8.53 32.28 1.26
C HIS B 119 8.31 32.62 2.73
N PHE B 120 8.97 31.87 3.62
CA PHE B 120 8.76 32.06 5.05
C PHE B 120 9.28 33.41 5.53
N GLU B 121 10.41 33.86 5.01
CA GLU B 121 10.96 35.15 5.42
C GLU B 121 10.09 36.31 4.94
N ALA B 122 9.55 36.21 3.73
CA ALA B 122 8.64 37.25 3.25
C ALA B 122 7.42 37.39 4.15
N ILE B 123 6.85 36.27 4.56
CA ILE B 123 5.63 36.34 5.36
C ILE B 123 5.96 36.82 6.76
N ALA B 124 7.04 36.32 7.35
CA ALA B 124 7.49 36.77 8.66
C ALA B 124 7.79 38.28 8.66
N ASP B 125 8.48 38.74 7.62
CA ASP B 125 8.79 40.17 7.48
C ASP B 125 7.53 41.04 7.46
N ALA B 126 6.52 40.58 6.74
CA ALA B 126 5.29 41.34 6.59
C ALA B 126 4.50 41.41 7.88
N VAL B 127 4.38 40.28 8.55
CA VAL B 127 3.46 40.18 9.68
C VAL B 127 4.05 40.70 10.99
N LYS B 128 5.36 40.56 11.19
CA LYS B 128 6.00 41.04 12.43
C LYS B 128 5.25 40.53 13.65
N LEU B 129 5.08 39.21 13.66
CA LEU B 129 4.37 38.48 14.71
C LEU B 129 5.03 37.12 14.78
N PRO B 130 5.07 36.50 15.97
CA PRO B 130 5.68 35.17 16.05
C PRO B 130 5.12 34.19 15.02
N VAL B 131 6.03 33.46 14.39
CA VAL B 131 5.72 32.50 13.35
C VAL B 131 6.14 31.10 13.76
N VAL B 132 5.20 30.17 13.60
CA VAL B 132 5.46 28.75 13.77
C VAL B 132 5.52 28.12 12.38
N LEU B 133 6.67 27.60 12.01
CA LEU B 133 6.81 26.84 10.77
C LEU B 133 6.09 25.51 10.92
N TYR B 134 5.62 24.93 9.83
CA TYR B 134 4.91 23.67 9.89
C TYR B 134 5.38 22.77 8.75
N ASN B 135 5.98 21.65 9.15
CA ASN B 135 6.54 20.69 8.20
C ASN B 135 5.81 19.37 8.33
N VAL B 136 5.11 18.98 7.27
CA VAL B 136 4.34 17.73 7.27
C VAL B 136 4.48 17.06 5.92
N PRO B 137 5.64 16.39 5.71
CA PRO B 137 5.89 15.76 4.42
C PRO B 137 4.82 14.78 3.93
N SER B 138 4.07 14.16 4.84
CA SER B 138 3.02 13.23 4.43
C SER B 138 1.90 13.93 3.68
N ARG B 139 1.78 15.24 3.85
CA ARG B 139 0.78 16.02 3.12
C ARG B 139 1.36 16.91 2.02
N THR B 140 2.63 17.26 2.10
CA THR B 140 3.20 18.22 1.16
C THR B 140 4.22 17.60 0.21
N ASN B 141 4.69 16.40 0.54
CA ASN B 141 5.77 15.75 -0.20
CA ASN B 141 5.81 15.73 -0.14
C ASN B 141 7.03 16.61 -0.31
N MET B 142 7.22 17.49 0.67
CA MET B 142 8.48 18.21 0.78
C MET B 142 8.79 18.42 2.26
N THR B 143 10.00 18.87 2.53
CA THR B 143 10.44 19.05 3.91
C THR B 143 11.16 20.37 4.07
N ILE B 144 11.32 20.77 5.33
CA ILE B 144 12.22 21.88 5.70
C ILE B 144 13.48 21.22 6.20
N GLU B 145 14.55 21.27 5.40
CA GLU B 145 15.75 20.54 5.76
C GLU B 145 16.31 21.16 7.03
N PRO B 146 17.01 20.35 7.84
CA PRO B 146 17.55 20.92 9.08
C PRO B 146 18.38 22.20 8.92
N GLU B 147 19.21 22.27 7.88
CA GLU B 147 19.96 23.48 7.60
C GLU B 147 19.05 24.69 7.32
N THR B 148 17.89 24.40 6.73
CA THR B 148 16.92 25.44 6.41
C THR B 148 16.22 25.90 7.68
N VAL B 149 15.89 24.96 8.55
CA VAL B 149 15.31 25.32 9.85
C VAL B 149 16.27 26.23 10.61
N GLU B 150 17.57 25.90 10.55
CA GLU B 150 18.58 26.71 11.22
C GLU B 150 18.57 28.15 10.71
N ILE B 151 18.60 28.31 9.39
CA ILE B 151 18.55 29.64 8.77
C ILE B 151 17.31 30.40 9.22
N LEU B 152 16.17 29.74 9.16
CA LEU B 152 14.90 30.39 9.47
C LEU B 152 14.80 30.74 10.94
N SER B 153 15.36 29.90 11.81
CA SER B 153 15.31 30.17 13.24
C SER B 153 16.01 31.47 13.60
N GLN B 154 16.93 31.95 12.76
CA GLN B 154 17.63 33.21 13.01
C GLN B 154 16.78 34.43 12.74
N HIS B 155 15.68 34.26 12.00
CA HIS B 155 14.75 35.37 11.77
C HIS B 155 14.07 35.78 13.08
N PRO B 156 14.02 37.10 13.39
CA PRO B 156 13.49 37.54 14.69
C PRO B 156 12.03 37.14 15.01
N TYR B 157 11.23 36.92 13.98
CA TYR B 157 9.83 36.55 14.17
C TYR B 157 9.56 35.07 13.95
N ILE B 158 10.56 34.29 13.57
CA ILE B 158 10.33 32.87 13.35
C ILE B 158 10.83 32.11 14.58
N VAL B 159 9.89 31.56 15.35
CA VAL B 159 10.16 31.15 16.73
C VAL B 159 9.90 29.68 17.05
N ALA B 160 9.36 28.91 16.11
CA ALA B 160 9.03 27.54 16.40
C ALA B 160 8.79 26.73 15.16
N LEU B 161 8.80 25.42 15.33
CA LEU B 161 8.50 24.47 14.26
C LEU B 161 7.51 23.44 14.78
N LYS B 162 6.41 23.28 14.06
CA LYS B 162 5.53 22.14 14.21
C LYS B 162 6.09 21.07 13.28
N ASP B 163 6.66 20.05 13.91
CA ASP B 163 7.44 19.03 13.24
C ASP B 163 6.62 17.75 13.16
N ALA B 164 6.00 17.53 12.00
CA ALA B 164 5.23 16.32 11.74
C ALA B 164 5.99 15.32 10.88
N THR B 165 7.32 15.36 10.93
CA THR B 165 8.09 14.39 10.17
C THR B 165 8.00 12.99 10.75
N ASN B 166 7.75 12.91 12.06
CA ASN B 166 7.82 11.65 12.79
C ASN B 166 9.15 10.92 12.55
N ASP B 167 10.21 11.72 12.49
CA ASP B 167 11.56 11.26 12.16
C ASP B 167 12.48 11.77 13.24
N PHE B 168 12.95 10.87 14.08
CA PHE B 168 13.75 11.28 15.22
C PHE B 168 15.20 11.56 14.87
N GLU B 169 15.67 11.06 13.73
CA GLU B 169 16.95 11.52 13.20
C GLU B 169 16.85 12.98 12.77
N TYR B 170 15.76 13.32 12.09
CA TYR B 170 15.47 14.71 11.75
C TYR B 170 15.46 15.58 13.00
N LEU B 171 14.79 15.11 14.05
CA LEU B 171 14.72 15.89 15.29
C LEU B 171 16.11 16.16 15.82
N GLU B 172 16.96 15.13 15.85
CA GLU B 172 18.31 15.33 16.38
C GLU B 172 19.13 16.27 15.51
N GLU B 173 18.95 16.20 14.19
CA GLU B 173 19.64 17.08 13.26
C GLU B 173 19.19 18.53 13.43
N VAL B 174 17.91 18.73 13.71
CA VAL B 174 17.40 20.08 13.95
C VAL B 174 17.93 20.57 15.30
N LYS B 175 17.83 19.73 16.33
CA LYS B 175 18.27 20.13 17.67
C LYS B 175 19.71 20.61 17.71
N LYS B 176 20.58 19.96 16.95
CA LYS B 176 21.99 20.35 16.98
C LYS B 176 22.28 21.68 16.28
N ARG B 177 21.27 22.21 15.58
CA ARG B 177 21.42 23.44 14.81
C ARG B 177 20.64 24.63 15.37
N ILE B 178 19.72 24.39 16.29
CA ILE B 178 18.90 25.48 16.83
C ILE B 178 19.07 25.58 18.33
N ASP B 179 18.61 26.70 18.88
CA ASP B 179 18.65 26.93 20.31
C ASP B 179 17.25 26.72 20.86
N THR B 180 17.11 25.66 21.66
CA THR B 180 15.81 25.28 22.18
CA THR B 180 15.84 25.26 22.27
C THR B 180 15.21 26.35 23.10
N ASN B 181 16.03 27.22 23.66
CA ASN B 181 15.52 28.29 24.52
C ASN B 181 14.72 29.35 23.74
N SER B 182 15.09 29.56 22.47
CA SER B 182 14.44 30.59 21.66
C SER B 182 13.70 30.04 20.44
N PHE B 183 13.84 28.75 20.18
CA PHE B 183 13.18 28.12 19.05
C PHE B 183 12.55 26.81 19.51
N ALA B 184 11.22 26.79 19.60
CA ALA B 184 10.50 25.65 20.13
C ALA B 184 10.23 24.61 19.06
N LEU B 185 10.26 23.36 19.48
CA LEU B 185 9.96 22.23 18.63
C LEU B 185 8.71 21.55 19.17
N TYR B 186 7.64 21.58 18.40
CA TYR B 186 6.39 20.94 18.77
C TYR B 186 6.13 19.77 17.85
N SER B 187 5.83 18.61 18.41
CA SER B 187 5.46 17.47 17.59
C SER B 187 4.17 17.78 16.86
N GLY B 188 4.08 17.30 15.62
CA GLY B 188 2.85 17.32 14.86
C GLY B 188 2.27 15.94 14.67
N ASN B 189 2.71 14.98 15.47
CA ASN B 189 2.18 13.62 15.44
C ASN B 189 1.89 13.16 16.86
N ASP B 190 0.61 13.05 17.20
CA ASP B 190 0.17 12.62 18.52
C ASP B 190 0.83 11.31 18.97
N ASP B 191 1.09 10.41 18.02
CA ASP B 191 1.65 9.08 18.33
C ASP B 191 3.01 9.11 19.00
N ASN B 192 3.81 10.13 18.75
CA ASN B 192 5.22 10.09 19.11
C ASN B 192 5.56 10.91 20.34
N VAL B 193 4.56 11.38 21.07
CA VAL B 193 4.82 12.39 22.10
C VAL B 193 5.72 11.91 23.25
N VAL B 194 5.62 10.63 23.62
CA VAL B 194 6.45 10.16 24.73
C VAL B 194 7.93 10.36 24.41
N GLU B 195 8.34 9.88 23.24
CA GLU B 195 9.72 10.04 22.79
C GLU B 195 10.04 11.50 22.45
N TYR B 196 9.09 12.23 21.86
CA TYR B 196 9.34 13.61 21.51
C TYR B 196 9.64 14.42 22.77
N TYR B 197 8.89 14.17 23.85
CA TYR B 197 9.13 14.88 25.10
C TYR B 197 10.44 14.45 25.73
N GLN B 198 10.72 13.14 25.70
CA GLN B 198 11.98 12.65 26.27
C GLN B 198 13.18 13.25 25.56
N ARG B 199 13.06 13.47 24.26
CA ARG B 199 14.15 13.98 23.44
C ARG B 199 14.20 15.51 23.39
N GLY B 200 13.42 16.17 24.25
CA GLY B 200 13.59 17.60 24.48
C GLY B 200 12.68 18.52 23.71
N GLY B 201 11.58 17.98 23.18
CA GLY B 201 10.57 18.80 22.51
C GLY B 201 9.79 19.63 23.50
N GLN B 202 9.17 20.69 23.01
CA GLN B 202 8.48 21.66 23.87
C GLN B 202 6.99 21.36 24.01
N GLY B 203 6.49 20.41 23.23
CA GLY B 203 5.08 20.08 23.29
C GLY B 203 4.59 19.46 22.01
N VAL B 204 3.31 19.64 21.72
CA VAL B 204 2.67 18.99 20.59
C VAL B 204 1.56 19.89 20.15
N ILE B 205 1.25 19.86 18.87
CA ILE B 205 0.06 20.50 18.34
C ILE B 205 -0.79 19.33 17.88
N SER B 206 -1.87 19.10 18.62
CA SER B 206 -2.51 17.80 18.71
C SER B 206 -3.91 17.74 18.12
N VAL B 207 -4.18 16.66 17.39
CA VAL B 207 -5.53 16.34 16.93
C VAL B 207 -6.39 15.75 18.06
N ILE B 208 -5.86 14.74 18.76
CA ILE B 208 -6.66 14.03 19.75
C ILE B 208 -7.04 14.92 20.94
N ALA B 209 -6.25 15.97 21.18
CA ALA B 209 -6.57 16.93 22.23
C ALA B 209 -7.87 17.71 21.98
N ASN B 210 -8.43 17.59 20.79
CA ASN B 210 -9.79 18.09 20.55
C ASN B 210 -10.82 17.43 21.45
N VAL B 211 -10.58 16.19 21.86
CA VAL B 211 -11.56 15.45 22.65
C VAL B 211 -11.05 14.93 23.99
N ILE B 212 -9.74 14.75 24.13
CA ILE B 212 -9.15 14.39 25.43
C ILE B 212 -8.04 15.36 25.81
N PRO B 213 -8.37 16.67 25.84
CA PRO B 213 -7.35 17.66 26.19
C PRO B 213 -6.75 17.43 27.57
N LYS B 214 -7.57 17.11 28.56
CA LYS B 214 -7.07 16.96 29.94
C LYS B 214 -6.05 15.84 30.03
N GLU B 215 -6.41 14.69 29.47
CA GLU B 215 -5.54 13.51 29.54
C GLU B 215 -4.27 13.69 28.73
N PHE B 216 -4.38 14.36 27.59
CA PHE B 216 -3.22 14.54 26.75
C PHE B 216 -2.22 15.54 27.37
N GLN B 217 -2.73 16.64 27.92
CA GLN B 217 -1.89 17.59 28.64
C GLN B 217 -1.29 16.94 29.89
N ALA B 218 -2.06 16.08 30.56
CA ALA B 218 -1.56 15.37 31.75
C ALA B 218 -0.30 14.58 31.44
N LEU B 219 -0.20 14.06 30.22
CA LEU B 219 0.98 13.34 29.77
CA LEU B 219 1.01 13.34 29.79
C LEU B 219 2.22 14.25 29.82
N TYR B 220 2.09 15.44 29.24
CA TYR B 220 3.19 16.39 29.22
C TYR B 220 3.58 16.82 30.63
N ASP B 221 2.59 17.19 31.42
CA ASP B 221 2.84 17.63 32.79
C ASP B 221 3.47 16.50 33.61
N ALA B 222 3.03 15.27 33.40
CA ALA B 222 3.57 14.12 34.14
C ALA B 222 5.05 13.95 33.87
N GLN B 223 5.44 13.96 32.60
CA GLN B 223 6.85 13.79 32.27
C GLN B 223 7.66 15.02 32.70
N GLN B 224 7.04 16.20 32.66
CA GLN B 224 7.70 17.40 33.15
C GLN B 224 8.01 17.31 34.64
N SER B 225 7.12 16.64 35.39
CA SER B 225 7.31 16.45 36.82
C SER B 225 8.24 15.28 37.14
N GLY B 226 8.69 14.57 36.12
CA GLY B 226 9.66 13.50 36.27
C GLY B 226 9.09 12.09 36.26
N LEU B 227 7.79 11.94 36.00
CA LEU B 227 7.14 10.61 35.86
C LEU B 227 7.62 10.06 34.51
N ASP B 228 7.90 8.77 34.43
CA ASP B 228 7.53 7.91 33.30
C ASP B 228 6.10 7.85 32.82
N ILE B 229 5.90 8.10 31.53
CA ILE B 229 4.56 8.23 30.98
C ILE B 229 4.26 7.16 29.93
N GLN B 230 5.12 6.16 29.82
CA GLN B 230 4.91 5.08 28.85
C GLN B 230 3.61 4.33 29.13
N ASP B 231 3.39 3.96 30.40
CA ASP B 231 2.16 3.27 30.78
C ASP B 231 0.94 4.17 30.67
N GLN B 232 1.09 5.42 31.07
CA GLN B 232 0.03 6.41 30.98
C GLN B 232 -0.39 6.67 29.53
N PHE B 233 0.57 6.61 28.63
CA PHE B 233 0.29 6.78 27.20
C PHE B 233 -0.49 5.60 26.62
N LYS B 234 -0.27 4.39 27.14
CA LYS B 234 -0.80 3.18 26.50
C LYS B 234 -2.28 3.27 26.06
N PRO B 235 -3.18 3.61 27.00
CA PRO B 235 -4.61 3.71 26.61
C PRO B 235 -4.88 4.83 25.61
N ILE B 236 -4.10 5.91 25.67
CA ILE B 236 -4.18 6.96 24.66
C ILE B 236 -3.72 6.41 23.30
N GLY B 237 -2.61 5.66 23.30
CA GLY B 237 -2.15 4.96 22.11
C GLY B 237 -3.22 4.09 21.46
N THR B 238 -3.99 3.38 22.28
CA THR B 238 -5.05 2.53 21.77
C THR B 238 -6.12 3.37 21.07
N LEU B 239 -6.47 4.50 21.66
CA LEU B 239 -7.42 5.41 21.04
C LEU B 239 -6.85 6.00 19.75
N LEU B 240 -5.58 6.36 19.76
CA LEU B 240 -4.94 6.87 18.54
C LEU B 240 -4.93 5.82 17.43
N SER B 241 -4.70 4.56 17.78
CA SER B 241 -4.79 3.50 16.79
C SER B 241 -6.18 3.46 16.14
N ALA B 242 -7.23 3.61 16.95
CA ALA B 242 -8.59 3.64 16.43
C ALA B 242 -8.82 4.86 15.54
N LEU B 243 -8.20 5.97 15.92
CA LEU B 243 -8.30 7.21 15.15
C LEU B 243 -7.63 7.11 13.77
N SER B 244 -6.75 6.14 13.58
CA SER B 244 -5.99 6.02 12.33
C SER B 244 -6.83 5.43 11.18
N VAL B 245 -8.10 5.13 11.45
CA VAL B 245 -8.99 4.49 10.48
C VAL B 245 -9.12 5.26 9.16
N ASP B 246 -8.97 6.59 9.20
CA ASP B 246 -8.97 7.40 7.99
C ASP B 246 -8.13 8.67 8.18
N ILE B 247 -8.06 9.47 7.11
CA ILE B 247 -7.25 10.69 7.05
CA ILE B 247 -7.21 10.67 7.09
C ILE B 247 -7.84 11.76 7.96
N ASN B 248 -7.04 12.30 8.88
CA ASN B 248 -7.49 13.41 9.72
C ASN B 248 -7.93 14.57 8.85
N PRO B 249 -9.03 15.26 9.21
CA PRO B 249 -9.92 15.12 10.36
C PRO B 249 -11.17 14.26 10.18
N ILE B 250 -11.16 13.34 9.23
CA ILE B 250 -12.34 12.49 9.07
C ILE B 250 -12.69 11.76 10.38
N PRO B 251 -11.71 11.08 11.01
CA PRO B 251 -12.05 10.41 12.27
C PRO B 251 -12.30 11.33 13.48
N ILE B 252 -11.45 12.32 13.71
CA ILE B 252 -11.61 13.14 14.90
C ILE B 252 -12.98 13.81 14.98
N LYS B 253 -13.54 14.20 13.83
CA LYS B 253 -14.86 14.82 13.82
C LYS B 253 -15.98 13.85 14.22
N ALA B 254 -15.73 12.54 14.11
CA ALA B 254 -16.68 11.55 14.66
C ALA B 254 -16.77 11.70 16.16
N LEU B 255 -15.67 12.13 16.78
CA LEU B 255 -15.61 12.28 18.22
C LEU B 255 -16.02 13.67 18.71
N THR B 256 -15.62 14.73 18.00
CA THR B 256 -16.04 16.06 18.43
C THR B 256 -17.56 16.16 18.34
N SER B 257 -18.15 15.63 17.26
CA SER B 257 -19.62 15.61 17.13
C SER B 257 -20.25 14.77 18.24
N TYR B 258 -19.61 13.67 18.58
CA TYR B 258 -20.09 12.78 19.66
C TYR B 258 -20.15 13.54 21.00
N LEU B 259 -19.22 14.47 21.20
CA LEU B 259 -19.18 15.29 22.40
C LEU B 259 -20.13 16.50 22.33
N GLY B 260 -20.87 16.61 21.24
CA GLY B 260 -21.89 17.65 21.09
C GLY B 260 -21.43 18.91 20.36
N PHE B 261 -20.27 18.85 19.73
CA PHE B 261 -19.74 20.01 19.02
C PHE B 261 -19.99 19.82 17.53
N GLY B 262 -21.07 20.40 17.05
CA GLY B 262 -21.44 20.29 15.65
C GLY B 262 -21.98 18.92 15.30
N ASN B 263 -22.38 18.75 14.04
CA ASN B 263 -22.79 17.46 13.54
C ASN B 263 -21.59 16.73 12.96
N TYR B 264 -21.75 15.45 12.67
CA TYR B 264 -20.64 14.71 12.07
C TYR B 264 -20.68 14.98 10.58
N GLU B 265 -20.06 16.09 10.22
CA GLU B 265 -20.07 16.58 8.86
C GLU B 265 -18.71 17.08 8.48
N LEU B 266 -18.24 16.60 7.31
CA LEU B 266 -17.01 17.06 6.69
C LEU B 266 -17.37 17.76 5.39
N ARG B 267 -16.59 18.75 5.01
CA ARG B 267 -16.83 19.46 3.76
C ARG B 267 -16.03 18.82 2.64
N LEU B 268 -16.68 18.63 1.48
CA LEU B 268 -16.02 18.01 0.35
C LEU B 268 -14.75 18.76 0.01
N PRO B 269 -13.69 18.04 -0.38
CA PRO B 269 -13.67 16.62 -0.75
C PRO B 269 -13.60 15.60 0.38
N LEU B 270 -13.49 16.03 1.63
CA LEU B 270 -13.52 15.08 2.73
C LEU B 270 -14.93 14.55 2.90
N VAL B 271 -15.04 13.36 3.49
CA VAL B 271 -16.32 12.73 3.76
C VAL B 271 -16.27 12.10 5.14
N SER B 272 -17.43 11.90 5.72
CA SER B 272 -17.52 11.23 7.02
C SER B 272 -17.24 9.76 6.88
N LEU B 273 -16.84 9.13 7.99
CA LEU B 273 -16.78 7.68 8.06
C LEU B 273 -18.16 7.10 7.82
N GLU B 274 -18.21 5.89 7.31
CA GLU B 274 -19.46 5.15 7.23
C GLU B 274 -19.86 4.70 8.63
N ASP B 275 -21.12 4.33 8.80
CA ASP B 275 -21.70 4.14 10.14
C ASP B 275 -20.97 3.12 11.01
N THR B 276 -20.61 1.98 10.43
CA THR B 276 -19.93 0.94 11.18
C THR B 276 -18.62 1.44 11.77
N ASP B 277 -17.85 2.16 10.97
CA ASP B 277 -16.57 2.69 11.41
C ASP B 277 -16.75 3.80 12.44
N THR B 278 -17.78 4.63 12.26
CA THR B 278 -18.11 5.66 13.23
C THR B 278 -18.42 5.07 14.59
N LYS B 279 -19.21 4.01 14.61
CA LYS B 279 -19.59 3.34 15.84
C LYS B 279 -18.36 2.75 16.54
N VAL B 280 -17.51 2.08 15.79
CA VAL B 280 -16.30 1.48 16.35
C VAL B 280 -15.41 2.55 16.98
N LEU B 281 -15.25 3.68 16.28
CA LEU B 281 -14.38 4.74 16.78
C LEU B 281 -14.95 5.36 18.06
N ARG B 282 -16.25 5.65 18.06
CA ARG B 282 -16.91 6.17 19.27
C ARG B 282 -16.84 5.19 20.45
N GLU B 283 -16.95 3.91 20.16
CA GLU B 283 -16.79 2.88 21.19
C GLU B 283 -15.36 2.89 21.72
N ALA B 284 -14.38 3.14 20.85
CA ALA B 284 -13.01 3.25 21.32
C ALA B 284 -12.83 4.43 22.26
N TYR B 285 -13.45 5.57 21.93
CA TYR B 285 -13.44 6.71 22.82
C TYR B 285 -14.09 6.36 24.17
N ASP B 286 -15.25 5.73 24.10
CA ASP B 286 -15.95 5.35 25.33
C ASP B 286 -15.12 4.39 26.18
N THR B 287 -14.45 3.45 25.52
CA THR B 287 -13.57 2.51 26.22
C THR B 287 -12.44 3.24 26.92
N PHE B 288 -11.84 4.20 26.23
CA PHE B 288 -10.79 4.99 26.84
C PHE B 288 -11.27 5.73 28.08
N LYS B 289 -12.42 6.38 27.98
CA LYS B 289 -12.95 7.18 29.10
C LYS B 289 -13.35 6.26 30.26
N ALA B 290 -13.94 5.12 29.94
CA ALA B 290 -14.33 4.12 30.94
C ALA B 290 -13.11 3.63 31.73
N GLY B 291 -11.98 3.51 31.04
CA GLY B 291 -10.79 2.86 31.60
C GLY B 291 -10.06 3.75 32.59
N GLU B 292 -10.39 5.03 32.61
CA GLU B 292 -9.80 5.98 33.55
C GLU B 292 -10.46 5.83 34.93
N THR C 1 23.10 -4.18 19.88
CA THR C 1 23.43 -5.64 19.83
C THR C 1 22.73 -6.32 18.66
N HIS C 2 22.25 -5.53 17.70
CA HIS C 2 21.50 -6.09 16.57
C HIS C 2 22.40 -6.95 15.71
N LEU C 3 21.80 -7.92 15.03
CA LEU C 3 22.55 -8.79 14.13
C LEU C 3 23.26 -7.95 13.07
N PHE C 4 22.55 -6.98 12.54
CA PHE C 4 23.09 -6.06 11.54
C PHE C 4 22.19 -4.86 11.50
N GLU C 5 22.67 -3.83 10.82
CA GLU C 5 21.84 -2.69 10.46
C GLU C 5 22.08 -2.40 8.99
N GLY C 6 21.11 -1.80 8.35
CA GLY C 6 21.22 -1.51 6.93
C GLY C 6 20.74 -2.68 6.10
N VAL C 7 21.46 -2.95 5.02
CA VAL C 7 20.97 -3.81 3.96
C VAL C 7 21.41 -5.26 4.10
N GLY C 8 20.46 -6.12 4.42
CA GLY C 8 20.63 -7.57 4.32
C GLY C 8 20.13 -8.00 2.96
N VAL C 9 20.76 -9.00 2.36
CA VAL C 9 20.36 -9.45 1.04
C VAL C 9 19.53 -10.72 1.12
N ALA C 10 18.35 -10.66 0.49
CA ALA C 10 17.49 -11.82 0.33
C ALA C 10 18.01 -12.64 -0.85
N LEU C 11 18.97 -13.52 -0.55
CA LEU C 11 19.82 -14.12 -1.58
C LEU C 11 19.05 -15.04 -2.54
N THR C 12 19.28 -14.84 -3.83
CA THR C 12 18.73 -15.69 -4.87
C THR C 12 19.49 -17.03 -4.96
N THR C 13 18.86 -18.01 -5.60
CA THR C 13 19.48 -19.29 -5.88
C THR C 13 19.83 -19.38 -7.37
N PRO C 14 21.10 -19.57 -7.70
CA PRO C 14 21.46 -19.67 -9.12
C PRO C 14 21.29 -21.09 -9.64
N PHE C 15 20.54 -21.22 -10.73
CA PHE C 15 20.35 -22.50 -11.38
C PHE C 15 21.02 -22.51 -12.75
N THR C 16 21.59 -23.65 -13.07
CA THR C 16 22.02 -23.98 -14.42
C THR C 16 21.49 -25.36 -14.70
N ASN C 17 20.65 -25.48 -15.73
CA ASN C 17 19.97 -26.74 -16.07
C ASN C 17 19.28 -27.34 -14.84
N ASN C 18 18.57 -26.47 -14.12
CA ASN C 18 17.76 -26.86 -12.96
C ASN C 18 18.55 -27.49 -11.81
N LYS C 19 19.84 -27.18 -11.76
CA LYS C 19 20.71 -27.64 -10.70
C LYS C 19 21.34 -26.41 -10.05
N VAL C 20 21.46 -26.43 -8.72
CA VAL C 20 22.07 -25.32 -8.01
C VAL C 20 23.52 -25.22 -8.47
N ASN C 21 23.88 -24.02 -8.93
CA ASN C 21 25.21 -23.76 -9.44
C ASN C 21 26.05 -23.18 -8.31
N LEU C 22 26.86 -24.01 -7.67
CA LEU C 22 27.63 -23.59 -6.49
C LEU C 22 28.69 -22.56 -6.85
N GLU C 23 29.24 -22.66 -8.05
CA GLU C 23 30.24 -21.69 -8.49
C GLU C 23 29.64 -20.30 -8.61
N ALA C 24 28.44 -20.22 -9.20
CA ALA C 24 27.71 -18.97 -9.30
C ALA C 24 27.26 -18.45 -7.94
N LEU C 25 26.86 -19.37 -7.05
CA LEU C 25 26.46 -19.00 -5.71
C LEU C 25 27.63 -18.33 -4.98
N LYS C 26 28.80 -18.95 -5.06
CA LYS C 26 29.98 -18.39 -4.40
CA LYS C 26 29.98 -18.39 -4.40
C LYS C 26 30.36 -17.06 -5.03
N ALA C 27 30.30 -16.97 -6.36
CA ALA C 27 30.64 -15.71 -7.02
C ALA C 27 29.65 -14.60 -6.63
N HIS C 28 28.36 -14.94 -6.52
CA HIS C 28 27.37 -13.95 -6.15
C HIS C 28 27.59 -13.48 -4.73
N VAL C 29 27.81 -14.42 -3.81
CA VAL C 29 28.09 -14.06 -2.43
C VAL C 29 29.34 -13.20 -2.33
N ASN C 30 30.39 -13.55 -3.08
CA ASN C 30 31.60 -12.72 -3.08
C ASN C 30 31.33 -11.31 -3.57
N PHE C 31 30.46 -11.19 -4.58
CA PHE C 31 30.07 -9.88 -5.08
C PHE C 31 29.33 -9.07 -4.04
N LEU C 32 28.45 -9.72 -3.29
CA LEU C 32 27.70 -9.05 -2.23
C LEU C 32 28.62 -8.59 -1.11
N LEU C 33 29.56 -9.44 -0.74
CA LEU C 33 30.53 -9.11 0.32
C LEU C 33 31.39 -7.93 -0.13
N GLU C 34 31.83 -7.96 -1.38
CA GLU C 34 32.67 -6.89 -1.92
C GLU C 34 31.94 -5.55 -1.94
N ASN C 35 30.61 -5.60 -2.01
CA ASN C 35 29.80 -4.42 -2.23
C ASN C 35 28.90 -4.03 -1.06
N ASN C 36 29.38 -4.35 0.13
CA ASN C 36 28.87 -3.79 1.39
CA ASN C 36 28.88 -3.78 1.38
C ASN C 36 27.52 -4.31 1.87
N ALA C 37 27.16 -5.52 1.44
CA ALA C 37 26.04 -6.20 2.08
C ALA C 37 26.35 -6.33 3.58
N GLN C 38 25.31 -6.17 4.40
CA GLN C 38 25.46 -6.21 5.86
C GLN C 38 25.05 -7.55 6.48
N ALA C 39 24.35 -8.36 5.70
CA ALA C 39 23.89 -9.67 6.13
C ALA C 39 23.46 -10.42 4.89
N ILE C 40 23.46 -11.74 4.97
CA ILE C 40 22.97 -12.57 3.87
C ILE C 40 21.89 -13.49 4.43
N ILE C 41 20.69 -13.35 3.88
CA ILE C 41 19.55 -14.18 4.27
C ILE C 41 19.46 -15.27 3.22
N VAL C 42 19.61 -16.51 3.66
CA VAL C 42 19.74 -17.65 2.78
C VAL C 42 18.48 -18.50 2.83
N ASN C 43 18.08 -19.02 1.68
CA ASN C 43 16.93 -19.93 1.58
C ASN C 43 15.62 -19.27 2.01
N GLY C 44 15.48 -18.00 1.69
CA GLY C 44 14.23 -17.31 1.91
C GLY C 44 13.35 -17.31 0.69
N THR C 45 12.40 -16.39 0.67
CA THR C 45 11.42 -16.30 -0.42
C THR C 45 12.10 -16.11 -1.79
N THR C 46 13.11 -15.25 -1.81
CA THR C 46 13.77 -14.85 -3.03
C THR C 46 14.68 -15.96 -3.54
N ALA C 47 15.05 -16.87 -2.64
CA ALA C 47 15.82 -18.07 -2.97
C ALA C 47 14.96 -19.19 -3.56
N GLU C 48 13.65 -18.97 -3.67
CA GLU C 48 12.73 -20.00 -4.16
C GLU C 48 12.70 -21.19 -3.20
N SER C 49 12.79 -20.89 -1.90
CA SER C 49 12.84 -21.94 -0.90
C SER C 49 11.72 -22.99 -1.05
N PRO C 50 10.48 -22.58 -1.40
CA PRO C 50 9.44 -23.59 -1.54
C PRO C 50 9.70 -24.70 -2.55
N THR C 51 10.57 -24.48 -3.52
CA THR C 51 10.83 -25.52 -4.52
C THR C 51 12.21 -26.17 -4.41
N LEU C 52 12.99 -25.77 -3.42
CA LEU C 52 14.28 -26.40 -3.18
C LEU C 52 14.12 -27.67 -2.37
N THR C 53 14.95 -28.67 -2.65
CA THR C 53 14.97 -29.87 -1.83
C THR C 53 15.69 -29.55 -0.52
N THR C 54 15.50 -30.39 0.49
CA THR C 54 16.17 -30.17 1.74
C THR C 54 17.69 -30.27 1.54
N ASP C 55 18.14 -31.21 0.72
CA ASP C 55 19.57 -31.33 0.46
C ASP C 55 20.14 -30.06 -0.21
N GLU C 56 19.38 -29.49 -1.15
CA GLU C 56 19.81 -28.25 -1.81
C GLU C 56 19.91 -27.12 -0.78
N LYS C 57 18.89 -26.99 0.06
CA LYS C 57 18.90 -25.94 1.05
C LYS C 57 20.11 -26.06 1.96
N GLU C 58 20.36 -27.27 2.45
CA GLU C 58 21.50 -27.47 3.36
C GLU C 58 22.84 -27.25 2.66
N LEU C 59 22.95 -27.67 1.40
CA LEU C 59 24.16 -27.46 0.62
C LEU C 59 24.42 -25.96 0.39
N ILE C 60 23.38 -25.25 -0.01
CA ILE C 60 23.48 -23.80 -0.20
C ILE C 60 23.89 -23.11 1.09
N LEU C 61 23.22 -23.45 2.18
CA LEU C 61 23.47 -22.80 3.45
C LEU C 61 24.91 -23.03 3.91
N LYS C 62 25.38 -24.29 3.85
CA LYS C 62 26.75 -24.59 4.24
C LYS C 62 27.74 -23.83 3.36
N THR C 63 27.48 -23.80 2.06
CA THR C 63 28.36 -23.10 1.13
C THR C 63 28.49 -21.63 1.48
N VAL C 64 27.37 -20.97 1.75
CA VAL C 64 27.38 -19.56 2.10
C VAL C 64 28.07 -19.34 3.45
N ILE C 65 27.71 -20.14 4.46
CA ILE C 65 28.33 -20.01 5.79
C ILE C 65 29.84 -20.11 5.70
N ASP C 66 30.30 -21.11 4.98
CA ASP C 66 31.74 -21.36 4.89
C ASP C 66 32.46 -20.26 4.13
N LEU C 67 31.84 -19.76 3.06
CA LEU C 67 32.45 -18.69 2.25
C LEU C 67 32.51 -17.38 3.02
N VAL C 68 31.39 -17.00 3.63
CA VAL C 68 31.30 -15.76 4.40
C VAL C 68 32.23 -15.78 5.62
N ASP C 69 32.31 -16.94 6.27
CA ASP C 69 33.03 -17.14 7.52
C ASP C 69 33.11 -15.89 8.40
N LYS C 70 31.96 -15.50 8.92
CA LYS C 70 31.83 -14.51 9.97
C LYS C 70 31.99 -13.07 9.50
N ARG C 71 32.08 -12.82 8.20
CA ARG C 71 32.22 -11.44 7.73
C ARG C 71 30.94 -10.65 7.91
N VAL C 72 29.80 -11.31 7.72
CA VAL C 72 28.49 -10.74 8.02
C VAL C 72 27.64 -11.87 8.55
N PRO C 73 26.54 -11.53 9.26
CA PRO C 73 25.67 -12.62 9.70
C PRO C 73 25.06 -13.35 8.53
N VAL C 74 25.01 -14.67 8.66
CA VAL C 74 24.31 -15.54 7.73
C VAL C 74 23.06 -16.02 8.44
N ILE C 75 21.91 -15.62 7.91
CA ILE C 75 20.62 -15.84 8.54
C ILE C 75 19.88 -16.84 7.67
N ALA C 76 19.56 -18.00 8.25
CA ALA C 76 18.98 -19.11 7.50
C ALA C 76 17.47 -19.01 7.60
N GLY C 77 16.81 -18.91 6.45
CA GLY C 77 15.36 -19.06 6.40
C GLY C 77 15.11 -20.53 6.63
N THR C 78 14.47 -20.85 7.75
CA THR C 78 14.13 -22.22 8.09
C THR C 78 12.66 -22.44 8.40
N GLY C 79 11.91 -21.37 8.57
CA GLY C 79 10.52 -21.51 9.00
C GLY C 79 9.61 -21.88 7.86
N THR C 80 8.68 -22.79 8.15
CA THR C 80 7.64 -23.13 7.22
C THR C 80 6.31 -23.05 7.96
N ASN C 81 5.27 -23.60 7.35
CA ASN C 81 3.97 -23.66 7.98
C ASN C 81 3.74 -24.93 8.79
N ASP C 82 4.82 -25.66 9.10
CA ASP C 82 4.79 -26.91 9.86
C ASP C 82 5.80 -26.71 10.99
N THR C 83 5.31 -26.63 12.23
CA THR C 83 6.17 -26.26 13.34
C THR C 83 7.25 -27.30 13.56
N GLU C 84 6.87 -28.56 13.56
CA GLU C 84 7.84 -29.61 13.81
C GLU C 84 8.95 -29.60 12.76
N LYS C 85 8.58 -29.48 11.49
CA LYS C 85 9.59 -29.44 10.43
C LYS C 85 10.46 -28.19 10.54
N SER C 86 9.87 -27.08 10.96
CA SER C 86 10.62 -25.84 11.19
C SER C 86 11.64 -26.03 12.31
N ILE C 87 11.27 -26.78 13.35
CA ILE C 87 12.21 -27.08 14.43
C ILE C 87 13.41 -27.86 13.88
N GLN C 88 13.14 -28.92 13.12
CA GLN C 88 14.22 -29.75 12.55
C GLN C 88 15.15 -28.91 11.68
N ALA C 89 14.58 -28.12 10.79
CA ALA C 89 15.37 -27.32 9.87
C ALA C 89 16.22 -26.29 10.63
N SER C 90 15.65 -25.73 11.69
CA SER C 90 16.32 -24.70 12.48
C SER C 90 17.49 -25.29 13.25
N ILE C 91 17.28 -26.46 13.85
CA ILE C 91 18.36 -27.15 14.55
C ILE C 91 19.50 -27.46 13.59
N GLN C 92 19.16 -27.91 12.38
CA GLN C 92 20.20 -28.24 11.42
C GLN C 92 20.94 -27.00 10.93
N ALA C 93 20.22 -25.88 10.75
CA ALA C 93 20.87 -24.64 10.32
C ALA C 93 21.89 -24.20 11.39
N LYS C 94 21.51 -24.31 12.64
CA LYS C 94 22.44 -24.00 13.72
C LYS C 94 23.68 -24.90 13.68
N ALA C 95 23.47 -26.18 13.45
CA ALA C 95 24.59 -27.13 13.39
C ALA C 95 25.54 -26.80 12.24
N LEU C 96 24.99 -26.27 11.15
CA LEU C 96 25.81 -25.89 10.00
C LEU C 96 26.57 -24.58 10.22
N GLY C 97 26.19 -23.84 11.26
CA GLY C 97 26.90 -22.62 11.65
C GLY C 97 26.18 -21.33 11.36
N ALA C 98 24.86 -21.37 11.12
CA ALA C 98 24.09 -20.13 10.89
C ALA C 98 24.16 -19.26 12.13
N ASP C 99 24.13 -17.96 11.92
CA ASP C 99 24.17 -17.00 13.02
C ASP C 99 22.78 -16.70 13.55
N ALA C 100 21.78 -16.95 12.72
CA ALA C 100 20.41 -16.67 13.08
C ALA C 100 19.52 -17.43 12.15
N ILE C 101 18.26 -17.54 12.54
CA ILE C 101 17.26 -18.10 11.65
C ILE C 101 16.16 -17.08 11.43
N MET C 102 15.48 -17.20 10.30
CA MET C 102 14.33 -16.37 10.01
C MET C 102 13.11 -17.25 9.87
N LEU C 103 12.03 -16.85 10.55
CA LEU C 103 10.79 -17.64 10.62
C LEU C 103 9.60 -16.84 10.12
N ILE C 104 9.10 -17.20 8.96
CA ILE C 104 7.86 -16.65 8.43
C ILE C 104 6.67 -17.12 9.26
N THR C 105 5.60 -16.36 9.28
CA THR C 105 4.36 -16.87 9.86
C THR C 105 3.90 -18.07 9.03
N PRO C 106 3.08 -18.92 9.62
CA PRO C 106 2.39 -19.88 8.78
C PRO C 106 1.63 -19.21 7.62
N TYR C 107 1.28 -20.06 6.66
CA TYR C 107 0.64 -19.65 5.43
C TYR C 107 -0.02 -20.90 4.92
N TYR C 108 -1.05 -20.68 4.10
CA TYR C 108 -1.95 -21.69 3.61
C TYR C 108 -2.82 -22.20 4.76
N ASN C 109 -2.24 -22.87 5.75
CA ASN C 109 -3.00 -23.19 6.96
C ASN C 109 -3.27 -21.95 7.80
N LYS C 110 -2.31 -21.04 7.85
CA LYS C 110 -2.36 -19.91 8.77
C LYS C 110 -2.49 -20.42 10.21
N THR C 111 -2.75 -19.51 11.14
CA THR C 111 -3.12 -19.87 12.50
C THR C 111 -3.60 -18.60 13.16
N ASN C 112 -4.01 -18.69 14.42
CA ASN C 112 -4.41 -17.51 15.18
C ASN C 112 -3.21 -16.98 15.95
N GLN C 113 -3.38 -15.88 16.68
CA GLN C 113 -2.24 -15.27 17.35
C GLN C 113 -1.67 -16.15 18.47
N ARG C 114 -2.52 -16.89 19.17
CA ARG C 114 -2.02 -17.86 20.17
C ARG C 114 -1.15 -18.94 19.52
N GLY C 115 -1.56 -19.40 18.35
CA GLY C 115 -0.80 -20.35 17.57
C GLY C 115 0.52 -19.78 17.13
N LEU C 116 0.54 -18.50 16.74
CA LEU C 116 1.82 -17.87 16.39
C LEU C 116 2.78 -17.89 17.56
N VAL C 117 2.27 -17.58 18.75
CA VAL C 117 3.12 -17.59 19.93
C VAL C 117 3.69 -18.99 20.17
N LYS C 118 2.85 -20.03 20.13
CA LYS C 118 3.36 -21.38 20.34
C LYS C 118 4.37 -21.80 19.27
N HIS C 119 4.05 -21.49 18.01
CA HIS C 119 4.90 -21.82 16.86
C HIS C 119 6.28 -21.19 17.00
N PHE C 120 6.32 -19.87 17.08
CA PHE C 120 7.59 -19.17 17.15
C PHE C 120 8.36 -19.52 18.43
N GLU C 121 7.68 -19.61 19.57
CA GLU C 121 8.38 -19.92 20.81
C GLU C 121 8.93 -21.34 20.80
N ALA C 122 8.18 -22.29 20.25
CA ALA C 122 8.67 -23.67 20.16
C ALA C 122 9.96 -23.73 19.36
N ILE C 123 10.00 -23.04 18.22
CA ILE C 123 11.19 -23.09 17.37
C ILE C 123 12.36 -22.36 18.06
N ALA C 124 12.09 -21.19 18.61
CA ALA C 124 13.11 -20.43 19.34
C ALA C 124 13.69 -21.25 20.49
N ASP C 125 12.82 -21.91 21.25
CA ASP C 125 13.21 -22.75 22.40
C ASP C 125 14.13 -23.86 21.95
N ALA C 126 13.79 -24.50 20.83
CA ALA C 126 14.58 -25.61 20.33
C ALA C 126 15.94 -25.16 19.83
N VAL C 127 15.98 -24.06 19.09
CA VAL C 127 17.19 -23.70 18.36
C VAL C 127 18.20 -22.92 19.21
N LYS C 128 17.71 -22.11 20.14
CA LYS C 128 18.59 -21.29 21.01
C LYS C 128 19.62 -20.55 20.16
N LEU C 129 19.10 -19.84 19.17
CA LEU C 129 19.88 -19.03 18.26
C LEU C 129 18.99 -17.83 17.94
N PRO C 130 19.58 -16.64 17.68
CA PRO C 130 18.76 -15.49 17.33
C PRO C 130 17.76 -15.77 16.21
N VAL C 131 16.54 -15.32 16.44
CA VAL C 131 15.42 -15.50 15.52
C VAL C 131 14.91 -14.18 15.00
N VAL C 132 14.76 -14.11 13.68
CA VAL C 132 14.12 -12.99 13.02
C VAL C 132 12.72 -13.46 12.59
N LEU C 133 11.69 -12.83 13.14
CA LEU C 133 10.33 -13.11 12.71
C LEU C 133 10.13 -12.50 11.33
N TYR C 134 9.21 -13.04 10.55
CA TYR C 134 8.97 -12.56 9.20
C TYR C 134 7.48 -12.49 8.92
N ASN C 135 7.00 -11.26 8.71
CA ASN C 135 5.59 -11.00 8.51
C ASN C 135 5.40 -10.43 7.12
N VAL C 136 4.70 -11.17 6.26
CA VAL C 136 4.44 -10.75 4.88
C VAL C 136 3.02 -11.14 4.49
N PRO C 137 2.04 -10.33 4.92
CA PRO C 137 0.64 -10.65 4.65
C PRO C 137 0.26 -10.85 3.18
N SER C 138 0.99 -10.22 2.25
CA SER C 138 0.70 -10.41 0.81
C SER C 138 1.03 -11.81 0.32
N ARG C 139 1.78 -12.58 1.09
CA ARG C 139 2.07 -13.96 0.77
C ARG C 139 1.43 -14.96 1.74
N THR C 140 1.03 -14.52 2.93
CA THR C 140 0.50 -15.45 3.93
C THR C 140 -0.96 -15.23 4.30
N ASN C 141 -1.49 -14.07 3.93
CA ASN C 141 -2.86 -13.70 4.31
CA ASN C 141 -2.81 -13.58 4.34
C ASN C 141 -3.06 -13.67 5.83
N MET C 142 -1.98 -13.50 6.59
CA MET C 142 -2.10 -13.34 8.03
C MET C 142 -1.03 -12.39 8.50
N THR C 143 -1.12 -11.98 9.75
CA THR C 143 -0.20 -11.01 10.29
C THR C 143 0.27 -11.42 11.68
N ILE C 144 1.35 -10.79 12.14
CA ILE C 144 1.77 -10.88 13.52
C ILE C 144 1.29 -9.60 14.14
N GLU C 145 0.23 -9.65 14.93
CA GLU C 145 -0.34 -8.43 15.48
C GLU C 145 0.68 -7.78 16.40
N PRO C 146 0.65 -6.45 16.52
CA PRO C 146 1.60 -5.76 17.39
C PRO C 146 1.70 -6.31 18.81
N GLU C 147 0.57 -6.68 19.42
CA GLU C 147 0.61 -7.28 20.76
C GLU C 147 1.37 -8.61 20.76
N THR C 148 1.26 -9.36 19.66
CA THR C 148 1.97 -10.62 19.52
C THR C 148 3.46 -10.39 19.33
N VAL C 149 3.82 -9.38 18.54
CA VAL C 149 5.22 -9.00 18.43
C VAL C 149 5.80 -8.68 19.80
N GLU C 150 5.04 -7.94 20.61
CA GLU C 150 5.49 -7.58 21.95
C GLU C 150 5.79 -8.82 22.78
N ILE C 151 4.85 -9.75 22.80
CA ILE C 151 5.01 -10.99 23.54
C ILE C 151 6.24 -11.75 23.07
N LEU C 152 6.40 -11.87 21.77
CA LEU C 152 7.52 -12.63 21.21
C LEU C 152 8.86 -11.94 21.43
N SER C 153 8.85 -10.61 21.42
CA SER C 153 10.09 -9.87 21.63
C SER C 153 10.68 -10.12 23.01
N GLN C 154 9.87 -10.58 23.97
CA GLN C 154 10.32 -10.89 25.33
CA GLN C 154 10.35 -10.86 25.31
C GLN C 154 11.10 -12.19 25.39
N HIS C 155 10.97 -13.02 24.36
CA HIS C 155 11.73 -14.27 24.29
C HIS C 155 13.20 -13.96 24.08
N PRO C 156 14.11 -14.58 24.87
CA PRO C 156 15.53 -14.24 24.80
C PRO C 156 16.17 -14.44 23.44
N TYR C 157 15.62 -15.33 22.62
CA TYR C 157 16.20 -15.60 21.31
C TYR C 157 15.46 -14.94 20.15
N ILE C 158 14.34 -14.27 20.41
CA ILE C 158 13.60 -13.61 19.33
C ILE C 158 13.95 -12.14 19.34
N VAL C 159 14.67 -11.70 18.30
CA VAL C 159 15.39 -10.43 18.37
C VAL C 159 15.09 -9.44 17.24
N ALA C 160 14.27 -9.83 16.28
CA ALA C 160 13.97 -8.91 15.17
C ALA C 160 12.76 -9.34 14.41
N LEU C 161 12.26 -8.42 13.60
CA LEU C 161 11.12 -8.67 12.72
C LEU C 161 11.46 -8.14 11.35
N LYS C 162 11.34 -8.99 10.34
CA LYS C 162 11.32 -8.56 8.94
C LYS C 162 9.86 -8.23 8.65
N ASP C 163 9.60 -6.95 8.48
CA ASP C 163 8.26 -6.41 8.39
C ASP C 163 7.97 -6.04 6.95
N ALA C 164 7.22 -6.90 6.25
CA ALA C 164 6.85 -6.66 4.86
C ALA C 164 5.39 -6.25 4.77
N THR C 165 4.84 -5.66 5.84
CA THR C 165 3.45 -5.21 5.78
C THR C 165 3.26 -4.01 4.87
N ASN C 166 4.32 -3.21 4.70
CA ASN C 166 4.21 -1.90 4.04
C ASN C 166 3.09 -1.05 4.65
N ASP C 167 2.91 -1.19 5.96
CA ASP C 167 1.81 -0.57 6.71
C ASP C 167 2.44 0.27 7.82
N PHE C 168 2.41 1.58 7.66
CA PHE C 168 3.11 2.44 8.60
C PHE C 168 2.34 2.71 9.89
N GLU C 169 1.04 2.43 9.87
CA GLU C 169 0.28 2.38 11.13
C GLU C 169 0.74 1.18 11.96
N TYR C 170 0.89 0.04 11.28
CA TYR C 170 1.42 -1.16 11.92
C TYR C 170 2.80 -0.89 12.52
N LEU C 171 3.67 -0.23 11.76
CA LEU C 171 4.98 0.12 12.27
C LEU C 171 4.88 0.93 13.55
N GLU C 172 4.00 1.93 13.56
CA GLU C 172 3.86 2.77 14.75
CA GLU C 172 3.82 2.78 14.74
C GLU C 172 3.36 1.96 15.94
N GLU C 173 2.41 1.05 15.70
CA GLU C 173 1.86 0.21 16.75
C GLU C 173 2.90 -0.77 17.32
N VAL C 174 3.76 -1.30 16.44
CA VAL C 174 4.83 -2.18 16.89
C VAL C 174 5.89 -1.40 17.67
N LYS C 175 6.28 -0.25 17.16
CA LYS C 175 7.26 0.59 17.83
C LYS C 175 6.89 0.93 19.27
N LYS C 176 5.60 1.17 19.52
CA LYS C 176 5.14 1.50 20.86
C LYS C 176 5.29 0.37 21.87
N ARG C 177 5.42 -0.86 21.37
CA ARG C 177 5.40 -2.03 22.24
C ARG C 177 6.74 -2.74 22.37
N ILE C 178 7.74 -2.33 21.60
CA ILE C 178 9.04 -2.98 21.65
C ILE C 178 10.13 -1.97 21.93
N ASP C 179 11.28 -2.50 22.34
CA ASP C 179 12.46 -1.69 22.61
C ASP C 179 13.40 -1.82 21.44
N THR C 180 13.53 -0.72 20.70
CA THR C 180 14.36 -0.64 19.52
C THR C 180 15.80 -1.07 19.76
N ASN C 181 16.29 -0.87 20.98
CA ASN C 181 17.67 -1.21 21.31
C ASN C 181 17.94 -2.69 21.27
N SER C 182 16.91 -3.50 21.57
CA SER C 182 17.08 -4.95 21.66
C SER C 182 16.25 -5.74 20.64
N PHE C 183 15.35 -5.05 19.93
CA PHE C 183 14.50 -5.72 18.95
C PHE C 183 14.49 -4.88 17.67
N ALA C 184 15.09 -5.43 16.62
CA ALA C 184 15.30 -4.71 15.37
C ALA C 184 14.09 -4.87 14.46
N LEU C 185 13.78 -3.79 13.74
CA LEU C 185 12.76 -3.80 12.70
C LEU C 185 13.42 -3.60 11.34
N TYR C 186 13.28 -4.58 10.47
CA TYR C 186 13.84 -4.51 9.11
C TYR C 186 12.69 -4.49 8.12
N SER C 187 12.73 -3.54 7.19
CA SER C 187 11.74 -3.56 6.13
C SER C 187 11.90 -4.81 5.28
N GLY C 188 10.78 -5.35 4.82
CA GLY C 188 10.76 -6.39 3.82
C GLY C 188 10.21 -5.91 2.49
N ASN C 189 10.22 -4.60 2.28
CA ASN C 189 9.73 -4.01 1.02
C ASN C 189 10.71 -2.92 0.59
N ASP C 190 11.50 -3.20 -0.43
CA ASP C 190 12.51 -2.28 -0.96
C ASP C 190 11.94 -0.89 -1.25
N ASP C 191 10.69 -0.83 -1.69
CA ASP C 191 10.08 0.43 -2.10
C ASP C 191 9.95 1.44 -0.98
N ASN C 192 9.91 0.98 0.27
CA ASN C 192 9.52 1.87 1.37
C ASN C 192 10.66 2.30 2.27
N VAL C 193 11.89 2.01 1.86
CA VAL C 193 13.02 2.19 2.77
C VAL C 193 13.24 3.63 3.21
N VAL C 194 12.96 4.60 2.35
CA VAL C 194 13.14 5.99 2.78
C VAL C 194 12.30 6.27 4.01
N GLU C 195 11.01 6.01 3.93
CA GLU C 195 10.14 6.20 5.08
C GLU C 195 10.47 5.25 6.22
N TYR C 196 10.85 4.01 5.90
CA TYR C 196 11.12 3.04 6.96
C TYR C 196 12.31 3.50 7.81
N TYR C 197 13.34 4.00 7.15
CA TYR C 197 14.50 4.50 7.87
C TYR C 197 14.18 5.78 8.64
N GLN C 198 13.41 6.65 8.00
CA GLN C 198 13.00 7.89 8.66
C GLN C 198 12.11 7.62 9.87
N ARG C 199 11.39 6.49 9.86
CA ARG C 199 10.52 6.13 10.98
C ARG C 199 11.18 5.22 12.03
N GLY C 200 12.49 5.06 11.96
CA GLY C 200 13.24 4.41 13.03
C GLY C 200 13.53 2.93 12.84
N GLY C 201 13.43 2.47 11.60
CA GLY C 201 13.78 1.09 11.27
C GLY C 201 15.27 0.89 11.26
N GLN C 202 15.69 -0.38 11.38
CA GLN C 202 17.11 -0.75 11.49
C GLN C 202 17.75 -1.17 10.17
N GLY C 203 16.95 -1.24 9.12
CA GLY C 203 17.46 -1.65 7.82
C GLY C 203 16.40 -2.32 6.99
N VAL C 204 16.84 -3.22 6.14
CA VAL C 204 15.98 -3.86 5.14
C VAL C 204 16.57 -5.22 4.81
N ILE C 205 15.69 -6.17 4.52
CA ILE C 205 16.10 -7.44 3.94
C ILE C 205 15.58 -7.38 2.51
N SER C 206 16.51 -7.24 1.58
CA SER C 206 16.27 -6.65 0.28
C SER C 206 16.42 -7.61 -0.90
N VAL C 207 15.51 -7.46 -1.86
CA VAL C 207 15.59 -8.16 -3.13
C VAL C 207 16.57 -7.46 -4.09
N ILE C 208 16.43 -6.15 -4.25
CA ILE C 208 17.24 -5.43 -5.22
C ILE C 208 18.72 -5.43 -4.86
N ALA C 209 19.00 -5.58 -3.57
CA ALA C 209 20.39 -5.68 -3.11
C ALA C 209 21.12 -6.92 -3.63
N ASN C 210 20.40 -7.84 -4.28
CA ASN C 210 21.08 -8.91 -5.02
C ASN C 210 21.95 -8.40 -6.14
N VAL C 211 21.61 -7.23 -6.68
CA VAL C 211 22.34 -6.65 -7.81
C VAL C 211 22.92 -5.25 -7.56
N ILE C 212 22.33 -4.47 -6.66
CA ILE C 212 22.90 -3.15 -6.31
C ILE C 212 23.05 -2.97 -4.80
N PRO C 213 23.78 -3.90 -4.14
CA PRO C 213 23.92 -3.79 -2.70
C PRO C 213 24.63 -2.53 -2.23
N LYS C 214 25.63 -2.07 -2.96
CA LYS C 214 26.41 -0.93 -2.51
C LYS C 214 25.56 0.35 -2.50
N GLU C 215 24.82 0.55 -3.58
CA GLU C 215 23.97 1.74 -3.71
C GLU C 215 22.82 1.71 -2.72
N PHE C 216 22.28 0.51 -2.49
CA PHE C 216 21.16 0.38 -1.56
C PHE C 216 21.63 0.59 -0.11
N GLN C 217 22.79 0.06 0.23
CA GLN C 217 23.36 0.27 1.57
C GLN C 217 23.70 1.75 1.81
N ALA C 218 24.16 2.42 0.76
CA ALA C 218 24.49 3.85 0.85
C ALA C 218 23.29 4.70 1.29
N LEU C 219 22.08 4.28 0.94
CA LEU C 219 20.88 4.98 1.42
C LEU C 219 20.78 4.97 2.94
N TYR C 220 20.99 3.81 3.55
CA TYR C 220 20.90 3.69 5.00
C TYR C 220 22.00 4.51 5.67
N ASP C 221 23.21 4.39 5.18
CA ASP C 221 24.32 5.12 5.80
C ASP C 221 24.09 6.64 5.66
N ALA C 222 23.60 7.08 4.50
CA ALA C 222 23.31 8.50 4.32
C ALA C 222 22.24 8.98 5.30
N GLN C 223 21.14 8.24 5.40
CA GLN C 223 20.02 8.65 6.26
C GLN C 223 20.47 8.67 7.72
N GLN C 224 21.21 7.65 8.13
CA GLN C 224 21.70 7.55 9.51
C GLN C 224 22.64 8.69 9.87
N SER C 225 23.34 9.24 8.88
CA SER C 225 24.22 10.39 9.09
C SER C 225 23.45 11.72 9.10
N GLY C 226 22.15 11.67 8.84
CA GLY C 226 21.30 12.86 8.91
C GLY C 226 20.93 13.47 7.57
N LEU C 227 21.35 12.84 6.47
CA LEU C 227 21.02 13.35 5.15
C LEU C 227 19.63 12.93 4.72
N ASP C 228 18.95 13.83 4.01
CA ASP C 228 17.74 13.49 3.27
C ASP C 228 18.10 12.61 2.07
N ILE C 229 17.39 11.51 1.90
CA ILE C 229 17.73 10.52 0.89
C ILE C 229 16.65 10.38 -0.19
N GLN C 230 15.70 11.32 -0.23
CA GLN C 230 14.64 11.28 -1.23
CA GLN C 230 14.63 11.31 -1.23
C GLN C 230 15.21 11.34 -2.64
N ASP C 231 16.11 12.28 -2.88
CA ASP C 231 16.70 12.42 -4.21
C ASP C 231 17.63 11.25 -4.53
N GLN C 232 18.39 10.80 -3.53
CA GLN C 232 19.27 9.66 -3.71
C GLN C 232 18.50 8.38 -4.05
N PHE C 233 17.31 8.25 -3.47
CA PHE C 233 16.47 7.09 -3.74
C PHE C 233 15.90 7.09 -5.17
N LYS C 234 15.68 8.26 -5.74
CA LYS C 234 14.95 8.37 -7.02
C LYS C 234 15.33 7.36 -8.10
N PRO C 235 16.61 7.31 -8.48
CA PRO C 235 16.99 6.36 -9.53
C PRO C 235 16.80 4.90 -9.12
N ILE C 236 16.98 4.61 -7.83
CA ILE C 236 16.73 3.26 -7.32
C ILE C 236 15.24 2.95 -7.42
N GLY C 237 14.40 3.90 -7.04
CA GLY C 237 12.96 3.76 -7.21
C GLY C 237 12.53 3.45 -8.64
N THR C 238 13.19 4.08 -9.60
CA THR C 238 12.89 3.81 -11.00
C THR C 238 13.22 2.36 -11.37
N LEU C 239 14.36 1.86 -10.87
CA LEU C 239 14.74 0.48 -11.08
C LEU C 239 13.75 -0.46 -10.39
N LEU C 240 13.29 -0.10 -9.20
CA LEU C 240 12.33 -0.93 -8.47
C LEU C 240 11.00 -0.99 -9.19
N SER C 241 10.62 0.11 -9.84
CA SER C 241 9.41 0.11 -10.66
C SER C 241 9.55 -0.88 -11.81
N ALA C 242 10.71 -0.90 -12.45
CA ALA C 242 10.97 -1.88 -13.51
C ALA C 242 10.88 -3.31 -12.96
N LEU C 243 11.35 -3.51 -11.72
CA LEU C 243 11.38 -4.81 -11.09
C LEU C 243 10.00 -5.33 -10.72
N SER C 244 9.00 -4.45 -10.63
CA SER C 244 7.67 -4.83 -10.17
C SER C 244 6.81 -5.47 -11.27
N VAL C 245 7.40 -5.73 -12.43
CA VAL C 245 6.68 -6.31 -13.57
C VAL C 245 6.06 -7.68 -13.31
N ASP C 246 6.60 -8.42 -12.34
CA ASP C 246 6.03 -9.72 -11.93
C ASP C 246 6.42 -10.03 -10.49
N ILE C 247 5.91 -11.14 -9.98
CA ILE C 247 6.13 -11.55 -8.59
C ILE C 247 7.59 -11.98 -8.35
N ASN C 248 8.20 -11.39 -7.34
CA ASN C 248 9.55 -11.76 -6.95
C ASN C 248 9.61 -13.25 -6.60
N PRO C 249 10.67 -13.95 -6.99
CA PRO C 249 11.88 -13.54 -7.70
C PRO C 249 11.88 -13.66 -9.22
N ILE C 250 10.72 -13.68 -9.86
CA ILE C 250 10.71 -13.78 -11.30
C ILE C 250 11.56 -12.67 -11.96
N PRO C 251 11.33 -11.39 -11.60
CA PRO C 251 12.15 -10.33 -12.21
C PRO C 251 13.60 -10.26 -11.72
N ILE C 252 13.86 -10.39 -10.43
CA ILE C 252 15.22 -10.20 -9.95
C ILE C 252 16.19 -11.20 -10.60
N LYS C 253 15.72 -12.39 -10.91
CA LYS C 253 16.60 -13.39 -11.51
C LYS C 253 16.97 -13.06 -12.95
N ALA C 254 16.20 -12.19 -13.60
CA ALA C 254 16.59 -11.65 -14.90
C ALA C 254 17.86 -10.82 -14.76
N LEU C 255 18.01 -10.17 -13.61
CA LEU C 255 19.19 -9.33 -13.36
C LEU C 255 20.37 -10.11 -12.78
N THR C 256 20.12 -11.05 -11.87
CA THR C 256 21.24 -11.85 -11.33
C THR C 256 21.90 -12.66 -12.45
N SER C 257 21.08 -13.25 -13.31
CA SER C 257 21.59 -13.98 -14.48
C SER C 257 22.35 -13.04 -15.41
N TYR C 258 21.83 -11.83 -15.59
CA TYR C 258 22.48 -10.80 -16.42
C TYR C 258 23.89 -10.48 -15.92
N LEU C 259 24.06 -10.50 -14.61
CA LEU C 259 25.35 -10.26 -13.97
C LEU C 259 26.26 -11.49 -13.96
N GLY C 260 25.80 -12.60 -14.53
CA GLY C 260 26.60 -13.81 -14.67
C GLY C 260 26.41 -14.86 -13.58
N PHE C 261 25.36 -14.70 -12.76
CA PHE C 261 25.08 -15.64 -11.68
C PHE C 261 23.96 -16.58 -12.10
N GLY C 262 24.33 -17.74 -12.61
CA GLY C 262 23.37 -18.70 -13.13
C GLY C 262 22.71 -18.27 -14.43
N ASN C 263 21.84 -19.13 -14.93
CA ASN C 263 21.00 -18.82 -16.07
C ASN C 263 19.69 -18.21 -15.61
N TYR C 264 18.94 -17.63 -16.54
CA TYR C 264 17.65 -17.06 -16.19
C TYR C 264 16.61 -18.16 -16.14
N GLU C 265 16.59 -18.84 -15.00
CA GLU C 265 15.76 -20.00 -14.81
C GLU C 265 15.08 -19.90 -13.46
N LEU C 266 13.78 -20.11 -13.45
CA LEU C 266 12.97 -20.24 -12.25
C LEU C 266 12.46 -21.67 -12.20
N ARG C 267 12.32 -22.21 -11.00
CA ARG C 267 11.77 -23.54 -10.82
C ARG C 267 10.24 -23.47 -10.69
N LEU C 268 9.55 -24.35 -11.39
CA LEU C 268 8.10 -24.39 -11.33
C LEU C 268 7.63 -24.53 -9.87
N PRO C 269 6.54 -23.83 -9.51
CA PRO C 269 5.58 -23.15 -10.39
C PRO C 269 5.95 -21.77 -10.93
N LEU C 270 7.09 -21.20 -10.51
CA LEU C 270 7.50 -19.92 -11.07
C LEU C 270 8.00 -20.14 -12.49
N VAL C 271 7.96 -19.06 -13.28
CA VAL C 271 8.42 -19.06 -14.66
C VAL C 271 9.19 -17.77 -14.91
N SER C 272 10.08 -17.80 -15.89
CA SER C 272 10.80 -16.61 -16.30
C SER C 272 9.88 -15.61 -17.00
N LEU C 273 10.28 -14.34 -16.99
CA LEU C 273 9.63 -13.35 -17.85
C LEU C 273 9.81 -13.75 -19.29
N GLU C 274 8.87 -13.32 -20.13
CA GLU C 274 9.02 -13.49 -21.57
C GLU C 274 10.09 -12.52 -22.06
N ASP C 275 10.62 -12.78 -23.25
CA ASP C 275 11.84 -12.11 -23.74
C ASP C 275 11.73 -10.59 -23.74
N THR C 276 10.60 -10.05 -24.19
CA THR C 276 10.41 -8.60 -24.28
C THR C 276 10.46 -7.93 -22.90
N ASP C 277 9.87 -8.57 -21.90
CA ASP C 277 9.91 -8.03 -20.54
C ASP C 277 11.30 -8.18 -19.94
N THR C 278 11.96 -9.29 -20.22
CA THR C 278 13.34 -9.50 -19.78
C THR C 278 14.25 -8.39 -20.29
N LYS C 279 14.16 -8.09 -21.58
CA LYS C 279 15.04 -7.09 -22.17
C LYS C 279 14.80 -5.71 -21.57
N VAL C 280 13.53 -5.37 -21.37
CA VAL C 280 13.17 -4.07 -20.79
C VAL C 280 13.74 -3.93 -19.38
N LEU C 281 13.63 -4.98 -18.58
CA LEU C 281 14.14 -4.94 -17.21
C LEU C 281 15.66 -4.83 -17.17
N ARG C 282 16.34 -5.60 -18.01
CA ARG C 282 17.80 -5.53 -18.10
C ARG C 282 18.29 -4.16 -18.59
N GLU C 283 17.52 -3.56 -19.48
CA GLU C 283 17.79 -2.20 -19.93
C GLU C 283 17.60 -1.20 -18.80
N ALA C 284 16.60 -1.42 -17.95
CA ALA C 284 16.36 -0.57 -16.78
C ALA C 284 17.56 -0.61 -15.84
N TYR C 285 18.11 -1.80 -15.65
CA TYR C 285 19.32 -1.96 -14.84
C TYR C 285 20.51 -1.23 -15.48
N ASP C 286 20.68 -1.41 -16.77
CA ASP C 286 21.77 -0.70 -17.49
C ASP C 286 21.64 0.80 -17.35
N THR C 287 20.42 1.29 -17.45
CA THR C 287 20.11 2.71 -17.33
C THR C 287 20.43 3.24 -15.94
N PHE C 288 20.13 2.45 -14.92
CA PHE C 288 20.47 2.81 -13.56
C PHE C 288 21.98 2.94 -13.39
N LYS C 289 22.71 1.94 -13.87
CA LYS C 289 24.17 1.92 -13.73
C LYS C 289 24.79 3.06 -14.54
N ALA C 290 24.26 3.31 -15.75
CA ALA C 290 24.72 4.43 -16.58
C ALA C 290 24.61 5.77 -15.86
N GLY C 291 23.55 5.92 -15.06
CA GLY C 291 23.19 7.20 -14.47
C GLY C 291 24.06 7.55 -13.28
N GLU C 292 24.77 6.54 -12.76
CA GLU C 292 25.73 6.74 -11.67
C GLU C 292 27.01 7.37 -12.21
N THR D 1 -18.83 -38.06 -17.39
CA THR D 1 -19.72 -37.66 -16.27
C THR D 1 -18.89 -37.10 -15.14
N HIS D 2 -19.48 -36.23 -14.32
CA HIS D 2 -18.75 -35.61 -13.21
C HIS D 2 -18.36 -36.67 -12.18
N LEU D 3 -17.31 -36.38 -11.43
CA LEU D 3 -16.89 -37.28 -10.36
C LEU D 3 -18.01 -37.47 -9.35
N PHE D 4 -18.70 -36.38 -9.05
CA PHE D 4 -19.82 -36.41 -8.13
C PHE D 4 -20.61 -35.15 -8.29
N GLU D 5 -21.80 -35.14 -7.72
CA GLU D 5 -22.56 -33.92 -7.56
C GLU D 5 -23.06 -33.87 -6.13
N GLY D 6 -23.27 -32.67 -5.62
CA GLY D 6 -23.67 -32.49 -4.24
C GLY D 6 -22.49 -32.32 -3.30
N VAL D 7 -22.60 -32.92 -2.13
CA VAL D 7 -21.67 -32.64 -1.04
C VAL D 7 -20.49 -33.63 -0.98
N GLY D 8 -19.31 -33.12 -1.29
CA GLY D 8 -18.06 -33.80 -0.96
C GLY D 8 -17.56 -33.29 0.37
N VAL D 9 -16.92 -34.16 1.14
CA VAL D 9 -16.48 -33.80 2.48
C VAL D 9 -14.97 -33.55 2.49
N ALA D 10 -14.60 -32.37 2.97
CA ALA D 10 -13.21 -32.00 3.24
C ALA D 10 -12.78 -32.66 4.55
N LEU D 11 -12.31 -33.90 4.46
CA LEU D 11 -12.18 -34.77 5.62
C LEU D 11 -11.12 -34.31 6.62
N THR D 12 -11.51 -34.26 7.90
CA THR D 12 -10.59 -33.96 9.00
C THR D 12 -9.66 -35.14 9.30
N THR D 13 -8.59 -34.86 10.04
CA THR D 13 -7.68 -35.90 10.51
C THR D 13 -7.83 -36.03 12.02
N PRO D 14 -8.19 -37.23 12.51
CA PRO D 14 -8.35 -37.42 13.94
C PRO D 14 -7.01 -37.75 14.60
N PHE D 15 -6.68 -37.01 15.66
CA PHE D 15 -5.48 -37.22 16.41
C PHE D 15 -5.81 -37.68 17.81
N THR D 16 -5.02 -38.60 18.32
CA THR D 16 -5.01 -38.94 19.74
C THR D 16 -3.54 -38.95 20.16
N ASN D 17 -3.20 -38.12 21.14
CA ASN D 17 -1.81 -37.92 21.54
C ASN D 17 -0.89 -37.67 20.35
N ASN D 18 -1.35 -36.76 19.49
CA ASN D 18 -0.57 -36.29 18.32
C ASN D 18 -0.24 -37.39 17.32
N LYS D 19 -1.04 -38.44 17.33
CA LYS D 19 -0.88 -39.57 16.42
C LYS D 19 -2.18 -39.76 15.70
N VAL D 20 -2.09 -40.05 14.40
CA VAL D 20 -3.29 -40.26 13.62
C VAL D 20 -4.00 -41.50 14.18
N ASN D 21 -5.28 -41.32 14.50
CA ASN D 21 -6.07 -42.39 15.07
C ASN D 21 -6.86 -43.05 13.95
N LEU D 22 -6.36 -44.19 13.46
CA LEU D 22 -6.98 -44.87 12.32
C LEU D 22 -8.37 -45.41 12.65
N GLU D 23 -8.58 -45.78 13.90
CA GLU D 23 -9.89 -46.28 14.30
C GLU D 23 -10.93 -45.17 14.18
N ALA D 24 -10.57 -43.98 14.67
CA ALA D 24 -11.43 -42.81 14.56
C ALA D 24 -11.61 -42.38 13.11
N LEU D 25 -10.56 -42.49 12.31
CA LEU D 25 -10.63 -42.15 10.89
C LEU D 25 -11.66 -43.04 10.21
N LYS D 26 -11.57 -44.34 10.45
CA LYS D 26 -12.50 -45.29 9.83
C LYS D 26 -13.92 -45.04 10.32
N ALA D 27 -14.08 -44.76 11.61
CA ALA D 27 -15.41 -44.49 12.15
C ALA D 27 -16.00 -43.24 11.53
N HIS D 28 -15.17 -42.22 11.34
CA HIS D 28 -15.64 -40.98 10.76
C HIS D 28 -16.06 -41.19 9.31
N VAL D 29 -15.22 -41.88 8.54
CA VAL D 29 -15.56 -42.15 7.14
C VAL D 29 -16.83 -42.97 7.04
N ASN D 30 -17.00 -43.94 7.93
CA ASN D 30 -18.23 -44.72 7.95
C ASN D 30 -19.45 -43.86 8.22
N PHE D 31 -19.31 -42.90 9.12
CA PHE D 31 -20.38 -41.95 9.44
C PHE D 31 -20.73 -41.13 8.21
N LEU D 32 -19.72 -40.69 7.47
CA LEU D 32 -19.95 -39.89 6.27
C LEU D 32 -20.64 -40.72 5.20
N LEU D 33 -20.18 -41.95 5.00
CA LEU D 33 -20.80 -42.84 4.01
C LEU D 33 -22.25 -43.13 4.37
N GLU D 34 -22.50 -43.40 5.64
CA GLU D 34 -23.87 -43.69 6.12
C GLU D 34 -24.81 -42.50 5.94
N ASN D 35 -24.25 -41.29 5.93
CA ASN D 35 -25.05 -40.08 5.91
C ASN D 35 -24.95 -39.30 4.61
N ASN D 36 -24.73 -40.05 3.52
CA ASN D 36 -24.92 -39.56 2.15
CA ASN D 36 -24.94 -39.56 2.17
C ASN D 36 -23.86 -38.60 1.63
N ALA D 37 -22.65 -38.66 2.18
CA ALA D 37 -21.54 -37.96 1.54
C ALA D 37 -21.41 -38.48 0.10
N GLN D 38 -21.09 -37.58 -0.83
CA GLN D 38 -21.00 -37.92 -2.25
C GLN D 38 -19.57 -38.11 -2.73
N ALA D 39 -18.62 -37.70 -1.90
CA ALA D 39 -17.21 -37.80 -2.21
C ALA D 39 -16.46 -37.52 -0.94
N ILE D 40 -15.26 -38.07 -0.83
CA ILE D 40 -14.40 -37.77 0.30
CA ILE D 40 -14.38 -37.82 0.30
C ILE D 40 -13.10 -37.19 -0.23
N ILE D 41 -12.80 -35.95 0.20
CA ILE D 41 -11.56 -35.28 -0.17
C ILE D 41 -10.60 -35.46 1.01
N VAL D 42 -9.48 -36.12 0.74
CA VAL D 42 -8.55 -36.59 1.76
C VAL D 42 -7.27 -35.78 1.69
N ASN D 43 -6.71 -35.45 2.85
CA ASN D 43 -5.44 -34.73 2.95
C ASN D 43 -5.50 -33.32 2.35
N GLY D 44 -6.63 -32.67 2.51
CA GLY D 44 -6.78 -31.29 2.11
C GLY D 44 -6.52 -30.33 3.26
N THR D 45 -6.96 -29.10 3.08
CA THR D 45 -6.77 -28.04 4.06
C THR D 45 -7.33 -28.45 5.42
N THR D 46 -8.52 -29.04 5.41
CA THR D 46 -9.24 -29.35 6.62
C THR D 46 -8.61 -30.54 7.34
N ALA D 47 -7.85 -31.34 6.59
CA ALA D 47 -7.09 -32.48 7.13
C ALA D 47 -5.79 -32.05 7.80
N GLU D 48 -5.47 -30.75 7.78
CA GLU D 48 -4.20 -30.24 8.30
C GLU D 48 -3.03 -30.78 7.48
N SER D 49 -3.22 -30.90 6.17
CA SER D 49 -2.17 -31.47 5.31
C SER D 49 -0.79 -30.83 5.47
N PRO D 50 -0.72 -29.48 5.68
CA PRO D 50 0.63 -28.91 5.84
C PRO D 50 1.46 -29.46 7.00
N THR D 51 0.83 -30.04 8.01
CA THR D 51 1.57 -30.50 9.18
C THR D 51 1.65 -32.02 9.28
N LEU D 52 1.06 -32.72 8.32
CA LEU D 52 1.14 -34.18 8.27
C LEU D 52 2.45 -34.61 7.62
N THR D 53 3.03 -35.70 8.11
CA THR D 53 4.16 -36.28 7.42
C THR D 53 3.67 -36.98 6.15
N THR D 54 4.60 -37.25 5.25
CA THR D 54 4.25 -37.99 4.04
C THR D 54 3.74 -39.39 4.37
N ASP D 55 4.35 -40.04 5.36
CA ASP D 55 3.88 -41.36 5.77
C ASP D 55 2.45 -41.31 6.31
N GLU D 56 2.14 -40.28 7.09
CA GLU D 56 0.77 -40.10 7.60
C GLU D 56 -0.21 -39.89 6.45
N LYS D 57 0.14 -39.01 5.52
CA LYS D 57 -0.76 -38.76 4.40
C LYS D 57 -1.04 -40.03 3.63
N GLU D 58 0.01 -40.81 3.36
CA GLU D 58 -0.16 -42.02 2.56
C GLU D 58 -0.98 -43.07 3.32
N LEU D 59 -0.76 -43.16 4.63
CA LEU D 59 -1.50 -44.11 5.47
C LEU D 59 -2.98 -43.73 5.54
N ILE D 60 -3.25 -42.45 5.75
CA ILE D 60 -4.63 -41.96 5.78
C ILE D 60 -5.31 -42.25 4.45
N LEU D 61 -4.64 -41.91 3.36
CA LEU D 61 -5.25 -42.06 2.06
C LEU D 61 -5.54 -43.52 1.76
N LYS D 62 -4.59 -44.41 2.04
CA LYS D 62 -4.80 -45.82 1.78
C LYS D 62 -5.95 -46.35 2.65
N THR D 63 -6.00 -45.91 3.90
CA THR D 63 -7.05 -46.36 4.82
C THR D 63 -8.43 -45.94 4.30
N VAL D 64 -8.56 -44.70 3.85
CA VAL D 64 -9.82 -44.21 3.31
C VAL D 64 -10.18 -44.93 2.01
N ILE D 65 -9.22 -45.08 1.10
CA ILE D 65 -9.48 -45.76 -0.16
C ILE D 65 -10.00 -47.17 0.08
N ASP D 66 -9.33 -47.88 0.97
CA ASP D 66 -9.66 -49.28 1.23
C ASP D 66 -11.02 -49.43 1.91
N LEU D 67 -11.33 -48.51 2.83
CA LEU D 67 -12.63 -48.55 3.53
C LEU D 67 -13.79 -48.21 2.60
N VAL D 68 -13.64 -47.13 1.84
CA VAL D 68 -14.66 -46.68 0.91
C VAL D 68 -14.89 -47.70 -0.21
N ASP D 69 -13.80 -48.31 -0.66
CA ASP D 69 -13.78 -49.24 -1.80
C ASP D 69 -14.87 -48.96 -2.84
N LYS D 70 -14.73 -47.83 -3.49
CA LYS D 70 -15.48 -47.46 -4.68
C LYS D 70 -16.91 -47.02 -4.41
N ARG D 71 -17.31 -46.84 -3.15
CA ARG D 71 -18.67 -46.38 -2.87
C ARG D 71 -18.89 -44.93 -3.28
N VAL D 72 -17.86 -44.10 -3.10
CA VAL D 72 -17.84 -42.73 -3.58
C VAL D 72 -16.43 -42.43 -4.03
N PRO D 73 -16.25 -41.40 -4.87
CA PRO D 73 -14.89 -41.02 -5.24
C PRO D 73 -14.06 -40.58 -4.04
N VAL D 74 -12.82 -41.06 -3.98
CA VAL D 74 -11.85 -40.62 -3.00
C VAL D 74 -10.90 -39.72 -3.75
N ILE D 75 -10.86 -38.46 -3.36
CA ILE D 75 -10.11 -37.43 -4.06
C ILE D 75 -8.95 -37.04 -3.15
N ALA D 76 -7.72 -37.25 -3.62
CA ALA D 76 -6.54 -37.02 -2.81
C ALA D 76 -6.03 -35.61 -3.03
N GLY D 77 -5.95 -34.83 -1.94
CA GLY D 77 -5.25 -33.57 -2.00
C GLY D 77 -3.78 -33.91 -2.12
N THR D 78 -3.18 -33.54 -3.24
CA THR D 78 -1.75 -33.78 -3.44
C THR D 78 -0.97 -32.55 -3.83
N GLY D 79 -1.66 -31.47 -4.19
CA GLY D 79 -0.98 -30.29 -4.72
C GLY D 79 -0.36 -29.47 -3.62
N THR D 80 0.86 -28.99 -3.88
CA THR D 80 1.51 -28.06 -2.99
C THR D 80 2.02 -26.89 -3.85
N ASN D 81 2.89 -26.06 -3.28
CA ASN D 81 3.48 -24.95 -4.00
C ASN D 81 4.80 -25.33 -4.67
N ASP D 82 5.09 -26.63 -4.73
CA ASP D 82 6.30 -27.19 -5.35
C ASP D 82 5.80 -28.16 -6.42
N THR D 83 6.00 -27.83 -7.69
CA THR D 83 5.45 -28.62 -8.79
C THR D 83 5.99 -30.04 -8.79
N GLU D 84 7.30 -30.17 -8.62
CA GLU D 84 7.92 -31.47 -8.63
C GLU D 84 7.39 -32.37 -7.50
N LYS D 85 7.31 -31.84 -6.28
CA LYS D 85 6.79 -32.63 -5.17
C LYS D 85 5.32 -32.95 -5.38
N SER D 86 4.59 -32.05 -6.03
CA SER D 86 3.17 -32.29 -6.35
C SER D 86 3.03 -33.44 -7.34
N ILE D 87 3.92 -33.50 -8.33
CA ILE D 87 3.93 -34.62 -9.27
C ILE D 87 4.13 -35.93 -8.54
N GLN D 88 5.13 -35.98 -7.66
CA GLN D 88 5.44 -37.21 -6.94
C GLN D 88 4.26 -37.66 -6.10
N ALA D 89 3.67 -36.73 -5.35
CA ALA D 89 2.56 -37.08 -4.46
C ALA D 89 1.36 -37.56 -5.26
N SER D 90 1.14 -36.95 -6.41
CA SER D 90 0.02 -37.28 -7.25
C SER D 90 0.16 -38.69 -7.85
N ILE D 91 1.35 -38.99 -8.34
CA ILE D 91 1.61 -40.34 -8.85
C ILE D 91 1.40 -41.40 -7.76
N GLN D 92 1.84 -41.11 -6.54
CA GLN D 92 1.68 -42.06 -5.46
C GLN D 92 0.21 -42.19 -5.05
N ALA D 93 -0.53 -41.09 -5.01
CA ALA D 93 -1.97 -41.16 -4.74
C ALA D 93 -2.67 -42.07 -5.74
N LYS D 94 -2.31 -41.95 -7.01
CA LYS D 94 -2.88 -42.82 -8.04
C LYS D 94 -2.53 -44.28 -7.74
N ALA D 95 -1.27 -44.54 -7.41
CA ALA D 95 -0.83 -45.91 -7.12
C ALA D 95 -1.58 -46.51 -5.93
N LEU D 96 -1.98 -45.68 -4.97
CA LEU D 96 -2.73 -46.15 -3.80
C LEU D 96 -4.20 -46.41 -4.12
N GLY D 97 -4.68 -45.86 -5.25
CA GLY D 97 -6.03 -46.12 -5.72
C GLY D 97 -6.98 -44.94 -5.64
N ALA D 98 -6.45 -43.72 -5.52
CA ALA D 98 -7.30 -42.52 -5.53
C ALA D 98 -8.03 -42.41 -6.85
N ASP D 99 -9.25 -41.91 -6.82
CA ASP D 99 -10.04 -41.72 -8.04
C ASP D 99 -9.74 -40.39 -8.71
N ALA D 100 -9.22 -39.44 -7.95
CA ALA D 100 -8.91 -38.13 -8.48
C ALA D 100 -7.93 -37.47 -7.54
N ILE D 101 -7.34 -36.39 -8.01
CA ILE D 101 -6.49 -35.56 -7.17
C ILE D 101 -7.02 -34.14 -7.17
N MET D 102 -6.71 -33.42 -6.11
CA MET D 102 -7.04 -32.02 -6.01
C MET D 102 -5.77 -31.22 -5.90
N LEU D 103 -5.67 -30.16 -6.69
CA LEU D 103 -4.47 -29.33 -6.77
C LEU D 103 -4.79 -27.88 -6.48
N ILE D 104 -4.33 -27.40 -5.33
CA ILE D 104 -4.40 -25.99 -4.99
C ILE D 104 -3.46 -25.20 -5.87
N THR D 105 -3.74 -23.91 -6.06
CA THR D 105 -2.76 -23.05 -6.70
C THR D 105 -1.55 -22.96 -5.77
N PRO D 106 -0.41 -22.57 -6.30
CA PRO D 106 0.66 -22.21 -5.39
C PRO D 106 0.27 -21.12 -4.38
N TYR D 107 1.09 -20.98 -3.37
CA TYR D 107 0.87 -20.09 -2.26
C TYR D 107 2.23 -19.87 -1.66
N TYR D 108 2.37 -18.74 -1.00
CA TYR D 108 3.62 -18.25 -0.46
C TYR D 108 4.52 -17.79 -1.61
N ASN D 109 5.01 -18.72 -2.45
CA ASN D 109 5.69 -18.30 -3.67
C ASN D 109 4.74 -17.67 -4.69
N LYS D 110 3.53 -18.22 -4.77
CA LYS D 110 2.57 -17.86 -5.80
C LYS D 110 3.20 -18.10 -7.16
N THR D 111 2.53 -17.63 -8.21
CA THR D 111 3.10 -17.56 -9.54
C THR D 111 2.16 -16.72 -10.40
N ASN D 112 2.49 -16.57 -11.67
CA ASN D 112 1.59 -15.87 -12.60
C ASN D 112 0.71 -16.88 -13.33
N GLN D 113 -0.14 -16.42 -14.23
CA GLN D 113 -1.07 -17.33 -14.87
C GLN D 113 -0.38 -18.31 -15.81
N ARG D 114 0.70 -17.89 -16.45
CA ARG D 114 1.49 -18.79 -17.28
C ARG D 114 2.09 -19.92 -16.45
N GLY D 115 2.57 -19.55 -15.27
CA GLY D 115 3.07 -20.52 -14.32
C GLY D 115 2.01 -21.49 -13.85
N LEU D 116 0.80 -21.01 -13.61
CA LEU D 116 -0.31 -21.88 -13.23
C LEU D 116 -0.54 -22.92 -14.31
N VAL D 117 -0.55 -22.48 -15.55
CA VAL D 117 -0.80 -23.40 -16.65
C VAL D 117 0.28 -24.48 -16.67
N LYS D 118 1.55 -24.08 -16.58
CA LYS D 118 2.63 -25.08 -16.57
C LYS D 118 2.54 -26.01 -15.36
N HIS D 119 2.22 -25.45 -14.20
CA HIS D 119 2.16 -26.20 -12.95
C HIS D 119 1.07 -27.26 -13.03
N PHE D 120 -0.16 -26.83 -13.30
CA PHE D 120 -1.28 -27.76 -13.34
C PHE D 120 -1.16 -28.77 -14.48
N GLU D 121 -0.73 -28.33 -15.66
CA GLU D 121 -0.61 -29.24 -16.79
C GLU D 121 0.48 -30.27 -16.56
N ALA D 122 1.60 -29.89 -15.94
CA ALA D 122 2.67 -30.83 -15.65
C ALA D 122 2.18 -31.93 -14.73
N ILE D 123 1.43 -31.57 -13.70
CA ILE D 123 0.95 -32.55 -12.75
C ILE D 123 -0.12 -33.45 -13.40
N ALA D 124 -1.06 -32.83 -14.10
CA ALA D 124 -2.07 -33.60 -14.83
C ALA D 124 -1.46 -34.56 -15.85
N ASP D 125 -0.47 -34.09 -16.60
CA ASP D 125 0.23 -34.94 -17.58
C ASP D 125 0.84 -36.17 -16.91
N ALA D 126 1.47 -35.96 -15.76
CA ALA D 126 2.16 -37.02 -15.06
C ALA D 126 1.19 -38.04 -14.47
N VAL D 127 0.12 -37.57 -13.87
CA VAL D 127 -0.75 -38.46 -13.09
C VAL D 127 -1.77 -39.18 -13.95
N LYS D 128 -2.28 -38.54 -15.00
CA LYS D 128 -3.26 -39.18 -15.89
C LYS D 128 -4.44 -39.73 -15.08
N LEU D 129 -4.98 -38.85 -14.24
CA LEU D 129 -6.09 -39.17 -13.35
C LEU D 129 -6.89 -37.88 -13.27
N PRO D 130 -8.22 -37.95 -13.10
CA PRO D 130 -8.96 -36.71 -12.99
C PRO D 130 -8.42 -35.75 -11.93
N VAL D 131 -8.33 -34.48 -12.31
CA VAL D 131 -7.80 -33.41 -11.48
C VAL D 131 -8.87 -32.37 -11.19
N VAL D 132 -9.01 -32.04 -9.91
CA VAL D 132 -9.85 -30.94 -9.43
C VAL D 132 -8.92 -29.80 -9.06
N LEU D 133 -9.01 -28.70 -9.77
CA LEU D 133 -8.29 -27.49 -9.42
C LEU D 133 -8.88 -26.90 -8.15
N TYR D 134 -8.07 -26.18 -7.39
CA TYR D 134 -8.55 -25.58 -6.14
C TYR D 134 -8.06 -24.15 -6.03
N ASN D 135 -9.01 -23.22 -6.03
CA ASN D 135 -8.74 -21.79 -5.96
C ASN D 135 -9.32 -21.23 -4.66
N VAL D 136 -8.43 -20.75 -3.80
CA VAL D 136 -8.83 -20.17 -2.52
C VAL D 136 -7.94 -18.95 -2.20
N PRO D 137 -8.26 -17.81 -2.83
CA PRO D 137 -7.44 -16.62 -2.63
C PRO D 137 -7.25 -16.19 -1.17
N SER D 138 -8.19 -16.50 -0.29
CA SER D 138 -8.04 -16.16 1.13
C SER D 138 -6.91 -16.91 1.82
N ARG D 139 -6.44 -17.99 1.19
CA ARG D 139 -5.28 -18.72 1.71
C ARG D 139 -4.04 -18.61 0.83
N THR D 140 -4.18 -18.25 -0.44
CA THR D 140 -3.04 -18.22 -1.37
C THR D 140 -2.67 -16.84 -1.87
N ASN D 141 -3.58 -15.89 -1.68
CA ASN D 141 -3.44 -14.54 -2.24
CA ASN D 141 -3.47 -14.54 -2.24
C ASN D 141 -3.19 -14.54 -3.74
N MET D 142 -3.70 -15.56 -4.43
CA MET D 142 -3.69 -15.56 -5.89
C MET D 142 -4.94 -16.26 -6.36
N THR D 143 -5.19 -16.17 -7.66
CA THR D 143 -6.38 -16.74 -8.25
C THR D 143 -6.05 -17.49 -9.53
N ILE D 144 -7.00 -18.30 -9.97
CA ILE D 144 -6.98 -18.90 -11.30
C ILE D 144 -7.93 -18.06 -12.12
N GLU D 145 -7.40 -17.21 -12.98
CA GLU D 145 -8.27 -16.30 -13.72
C GLU D 145 -9.19 -17.10 -14.63
N PRO D 146 -10.39 -16.59 -14.90
CA PRO D 146 -11.33 -17.33 -15.76
C PRO D 146 -10.75 -17.83 -17.08
N GLU D 147 -9.98 -16.99 -17.75
CA GLU D 147 -9.29 -17.37 -18.98
C GLU D 147 -8.34 -18.56 -18.75
N THR D 148 -7.72 -18.61 -17.57
CA THR D 148 -6.84 -19.71 -17.23
C THR D 148 -7.62 -20.99 -16.93
N VAL D 149 -8.74 -20.87 -16.22
CA VAL D 149 -9.63 -22.01 -16.03
C VAL D 149 -10.05 -22.58 -17.38
N GLU D 150 -10.38 -21.71 -18.32
CA GLU D 150 -10.77 -22.14 -19.66
C GLU D 150 -9.69 -23.02 -20.28
N ILE D 151 -8.46 -22.50 -20.30
CA ILE D 151 -7.32 -23.20 -20.87
C ILE D 151 -7.13 -24.57 -20.22
N LEU D 152 -7.19 -24.59 -18.90
CA LEU D 152 -6.93 -25.81 -18.15
C LEU D 152 -8.06 -26.82 -18.33
N SER D 153 -9.29 -26.33 -18.46
CA SER D 153 -10.42 -27.25 -18.66
C SER D 153 -10.30 -28.05 -19.95
N GLN D 154 -9.54 -27.54 -20.91
CA GLN D 154 -9.32 -28.25 -22.17
C GLN D 154 -8.36 -29.43 -22.05
N HIS D 155 -7.63 -29.51 -20.94
CA HIS D 155 -6.78 -30.68 -20.65
C HIS D 155 -7.64 -31.90 -20.36
N PRO D 156 -7.33 -33.06 -20.99
CA PRO D 156 -8.19 -34.23 -20.82
C PRO D 156 -8.39 -34.74 -19.39
N TYR D 157 -7.44 -34.46 -18.50
CA TYR D 157 -7.52 -34.93 -17.11
C TYR D 157 -7.94 -33.84 -16.13
N ILE D 158 -8.06 -32.59 -16.57
CA ILE D 158 -8.49 -31.53 -15.66
C ILE D 158 -9.99 -31.34 -15.82
N VAL D 159 -10.74 -31.70 -14.78
CA VAL D 159 -12.18 -31.90 -14.90
C VAL D 159 -13.08 -31.09 -13.96
N ALA D 160 -12.50 -30.35 -13.02
CA ALA D 160 -13.34 -29.62 -12.09
C ALA D 160 -12.53 -28.53 -11.39
N LEU D 161 -13.28 -27.63 -10.76
CA LEU D 161 -12.70 -26.57 -9.95
C LEU D 161 -13.43 -26.50 -8.62
N LYS D 162 -12.66 -26.58 -7.54
CA LYS D 162 -13.14 -26.20 -6.22
C LYS D 162 -12.95 -24.70 -6.10
N ASP D 163 -14.05 -23.97 -6.11
CA ASP D 163 -14.04 -22.51 -6.21
C ASP D 163 -14.38 -21.90 -4.86
N ALA D 164 -13.34 -21.47 -4.15
CA ALA D 164 -13.52 -20.82 -2.85
C ALA D 164 -13.37 -19.31 -2.94
N THR D 165 -13.62 -18.72 -4.10
CA THR D 165 -13.48 -17.27 -4.27
C THR D 165 -14.60 -16.52 -3.57
N ASN D 166 -15.76 -17.16 -3.43
CA ASN D 166 -16.96 -16.50 -2.94
C ASN D 166 -17.27 -15.22 -3.73
N ASP D 167 -16.97 -15.28 -5.02
CA ASP D 167 -17.07 -14.14 -5.92
C ASP D 167 -17.97 -14.58 -7.06
N PHE D 168 -19.19 -14.06 -7.10
CA PHE D 168 -20.15 -14.53 -8.07
C PHE D 168 -19.95 -13.91 -9.44
N GLU D 169 -19.21 -12.81 -9.53
CA GLU D 169 -18.80 -12.27 -10.82
CA GLU D 169 -18.80 -12.28 -10.83
C GLU D 169 -17.78 -13.22 -11.46
N TYR D 170 -16.85 -13.70 -10.65
CA TYR D 170 -15.88 -14.72 -11.06
C TYR D 170 -16.61 -15.97 -11.56
N LEU D 171 -17.58 -16.44 -10.78
CA LEU D 171 -18.34 -17.61 -11.19
C LEU D 171 -18.96 -17.42 -12.57
N GLU D 172 -19.56 -16.26 -12.83
CA GLU D 172 -20.18 -16.04 -14.13
C GLU D 172 -19.16 -16.01 -15.27
N GLU D 173 -18.00 -15.42 -15.01
CA GLU D 173 -16.93 -15.39 -16.01
C GLU D 173 -16.39 -16.78 -16.32
N VAL D 174 -16.30 -17.63 -15.30
CA VAL D 174 -15.85 -18.99 -15.50
C VAL D 174 -16.90 -19.78 -16.27
N LYS D 175 -18.17 -19.65 -15.87
CA LYS D 175 -19.26 -20.39 -16.50
C LYS D 175 -19.37 -20.14 -17.99
N LYS D 176 -19.14 -18.90 -18.41
CA LYS D 176 -19.22 -18.55 -19.83
C LYS D 176 -18.10 -19.16 -20.66
N ARG D 177 -17.05 -19.62 -20.00
CA ARG D 177 -15.86 -20.10 -20.67
C ARG D 177 -15.66 -21.61 -20.59
N ILE D 178 -16.47 -22.29 -19.80
CA ILE D 178 -16.35 -23.74 -19.66
C ILE D 178 -17.64 -24.45 -20.06
N ASP D 179 -17.51 -25.74 -20.30
CA ASP D 179 -18.64 -26.60 -20.61
C ASP D 179 -19.02 -27.35 -19.33
N THR D 180 -20.15 -26.95 -18.75
CA THR D 180 -20.68 -27.54 -17.53
C THR D 180 -20.84 -29.05 -17.59
N ASN D 181 -21.05 -29.61 -18.77
CA ASN D 181 -21.24 -31.04 -18.91
C ASN D 181 -19.98 -31.84 -18.63
N SER D 182 -18.82 -31.22 -18.86
CA SER D 182 -17.54 -31.91 -18.72
C SER D 182 -16.60 -31.27 -17.69
N PHE D 183 -16.97 -30.11 -17.16
CA PHE D 183 -16.14 -29.43 -16.18
C PHE D 183 -17.02 -28.94 -15.03
N ALA D 184 -16.83 -29.53 -13.87
CA ALA D 184 -17.68 -29.27 -12.71
C ALA D 184 -17.15 -28.12 -11.88
N LEU D 185 -18.09 -27.38 -11.30
CA LEU D 185 -17.78 -26.27 -10.41
C LEU D 185 -18.34 -26.61 -9.05
N TYR D 186 -17.46 -26.74 -8.06
CA TYR D 186 -17.85 -27.02 -6.69
C TYR D 186 -17.51 -25.84 -5.81
N SER D 187 -18.47 -25.39 -5.01
CA SER D 187 -18.18 -24.35 -4.06
C SER D 187 -17.16 -24.85 -3.04
N GLY D 188 -16.27 -23.96 -2.63
CA GLY D 188 -15.39 -24.18 -1.49
C GLY D 188 -15.73 -23.33 -0.29
N ASN D 189 -16.95 -22.82 -0.25
CA ASN D 189 -17.41 -22.01 0.88
C ASN D 189 -18.80 -22.46 1.26
N ASP D 190 -18.91 -23.19 2.37
CA ASP D 190 -20.20 -23.68 2.89
C ASP D 190 -21.27 -22.59 2.95
N ASP D 191 -20.86 -21.35 3.26
CA ASP D 191 -21.80 -20.25 3.44
C ASP D 191 -22.62 -19.90 2.21
N ASN D 192 -22.11 -20.21 1.02
CA ASN D 192 -22.70 -19.67 -0.21
C ASN D 192 -23.49 -20.68 -1.03
N VAL D 193 -23.72 -21.87 -0.48
CA VAL D 193 -24.26 -22.94 -1.30
C VAL D 193 -25.66 -22.67 -1.87
N VAL D 194 -26.51 -21.92 -1.17
CA VAL D 194 -27.84 -21.64 -1.71
C VAL D 194 -27.68 -20.92 -3.05
N GLU D 195 -26.90 -19.85 -3.05
CA GLU D 195 -26.64 -19.08 -4.27
C GLU D 195 -25.81 -19.89 -5.27
N TYR D 196 -24.82 -20.64 -4.80
CA TYR D 196 -23.95 -21.40 -5.68
C TYR D 196 -24.75 -22.44 -6.48
N TYR D 197 -25.67 -23.12 -5.80
CA TYR D 197 -26.53 -24.10 -6.47
C TYR D 197 -27.50 -23.40 -7.42
N GLN D 198 -28.07 -22.28 -6.99
CA GLN D 198 -28.97 -21.51 -7.84
C GLN D 198 -28.28 -21.11 -9.14
N ARG D 199 -27.01 -20.77 -9.04
CA ARG D 199 -26.23 -20.28 -10.18
C ARG D 199 -25.56 -21.38 -11.00
N GLY D 200 -25.90 -22.63 -10.72
CA GLY D 200 -25.54 -23.74 -11.60
C GLY D 200 -24.29 -24.51 -11.20
N GLY D 201 -23.92 -24.42 -9.93
CA GLY D 201 -22.82 -25.22 -9.40
C GLY D 201 -23.18 -26.69 -9.26
N GLN D 202 -22.17 -27.54 -9.28
CA GLN D 202 -22.36 -28.99 -9.22
C GLN D 202 -22.35 -29.54 -7.81
N GLY D 203 -22.02 -28.71 -6.84
CA GLY D 203 -21.98 -29.15 -5.46
C GLY D 203 -21.04 -28.30 -4.65
N VAL D 204 -20.47 -28.91 -3.61
CA VAL D 204 -19.65 -28.22 -2.64
C VAL D 204 -18.65 -29.22 -2.09
N ILE D 205 -17.46 -28.74 -1.74
CA ILE D 205 -16.49 -29.53 -0.99
C ILE D 205 -16.44 -28.84 0.36
N SER D 206 -16.97 -29.54 1.36
CA SER D 206 -17.52 -28.91 2.57
C SER D 206 -16.77 -29.24 3.85
N VAL D 207 -16.61 -28.23 4.68
CA VAL D 207 -16.08 -28.39 6.03
C VAL D 207 -17.18 -28.90 6.97
N ILE D 208 -18.35 -28.23 6.96
CA ILE D 208 -19.39 -28.56 7.93
C ILE D 208 -19.94 -29.97 7.69
N ALA D 209 -19.83 -30.46 6.47
CA ALA D 209 -20.27 -31.83 6.15
C ALA D 209 -19.48 -32.91 6.90
N ASN D 210 -18.39 -32.54 7.58
CA ASN D 210 -17.72 -33.46 8.51
C ASN D 210 -18.60 -33.91 9.65
N VAL D 211 -19.55 -33.06 10.04
CA VAL D 211 -20.43 -33.36 11.15
C VAL D 211 -21.93 -33.35 10.83
N ILE D 212 -22.37 -32.63 9.80
CA ILE D 212 -23.77 -32.71 9.36
C ILE D 212 -23.87 -33.06 7.88
N PRO D 213 -23.26 -34.19 7.47
CA PRO D 213 -23.32 -34.57 6.07
C PRO D 213 -24.75 -34.76 5.55
N LYS D 214 -25.60 -35.39 6.34
CA LYS D 214 -26.93 -35.72 5.85
C LYS D 214 -27.73 -34.47 5.53
N GLU D 215 -27.72 -33.53 6.47
CA GLU D 215 -28.44 -32.29 6.34
C GLU D 215 -27.88 -31.42 5.23
N PHE D 216 -26.56 -31.41 5.07
CA PHE D 216 -25.96 -30.58 4.04
C PHE D 216 -26.22 -31.16 2.63
N GLN D 217 -26.16 -32.47 2.51
CA GLN D 217 -26.52 -33.13 1.25
C GLN D 217 -28.02 -32.96 0.97
N ALA D 218 -28.85 -32.96 2.01
CA ALA D 218 -30.28 -32.76 1.84
C ALA D 218 -30.60 -31.41 1.18
N LEU D 219 -29.80 -30.40 1.46
CA LEU D 219 -29.97 -29.09 0.81
C LEU D 219 -29.81 -29.19 -0.70
N TYR D 220 -28.74 -29.85 -1.13
CA TYR D 220 -28.47 -30.00 -2.54
C TYR D 220 -29.58 -30.79 -3.23
N ASP D 221 -29.99 -31.88 -2.60
CA ASP D 221 -31.01 -32.73 -3.20
C ASP D 221 -32.35 -31.99 -3.25
N ALA D 222 -32.63 -31.17 -2.23
CA ALA D 222 -33.86 -30.39 -2.21
C ALA D 222 -33.90 -29.41 -3.36
N GLN D 223 -32.86 -28.61 -3.54
CA GLN D 223 -32.83 -27.62 -4.61
C GLN D 223 -32.82 -28.24 -6.01
N GLN D 224 -32.16 -29.40 -6.16
CA GLN D 224 -32.16 -30.14 -7.44
C GLN D 224 -33.58 -30.57 -7.82
N SER D 225 -34.40 -30.86 -6.82
CA SER D 225 -35.79 -31.26 -7.03
C SER D 225 -36.70 -30.08 -7.30
N GLY D 226 -36.17 -28.86 -7.21
CA GLY D 226 -36.92 -27.65 -7.53
C GLY D 226 -37.43 -26.87 -6.33
N LEU D 227 -37.06 -27.29 -5.13
CA LEU D 227 -37.47 -26.58 -3.92
C LEU D 227 -36.56 -25.40 -3.65
N ASP D 228 -37.15 -24.30 -3.16
CA ASP D 228 -36.39 -23.20 -2.57
C ASP D 228 -35.83 -23.64 -1.22
N ILE D 229 -34.53 -23.42 -1.02
CA ILE D 229 -33.82 -23.95 0.16
C ILE D 229 -33.32 -22.85 1.08
N GLN D 230 -33.77 -21.61 0.87
CA GLN D 230 -33.35 -20.50 1.71
C GLN D 230 -33.72 -20.76 3.18
N ASP D 231 -34.96 -21.14 3.43
CA ASP D 231 -35.42 -21.42 4.78
C ASP D 231 -34.74 -22.66 5.37
N GLN D 232 -34.58 -23.69 4.54
CA GLN D 232 -33.90 -24.92 4.97
C GLN D 232 -32.45 -24.64 5.35
N PHE D 233 -31.81 -23.71 4.65
CA PHE D 233 -30.43 -23.34 4.95
C PHE D 233 -30.29 -22.59 6.28
N LYS D 234 -31.31 -21.82 6.67
CA LYS D 234 -31.19 -20.92 7.82
C LYS D 234 -30.50 -21.50 9.07
N PRO D 235 -31.00 -22.63 9.59
CA PRO D 235 -30.36 -23.19 10.79
C PRO D 235 -28.92 -23.66 10.54
N ILE D 236 -28.64 -24.12 9.32
CA ILE D 236 -27.27 -24.44 8.95
C ILE D 236 -26.40 -23.18 8.96
N GLY D 237 -26.92 -22.09 8.41
CA GLY D 237 -26.25 -20.80 8.44
C GLY D 237 -25.92 -20.36 9.85
N THR D 238 -26.83 -20.60 10.78
CA THR D 238 -26.60 -20.25 12.17
C THR D 238 -25.42 -21.05 12.73
N LEU D 239 -25.38 -22.34 12.41
CA LEU D 239 -24.28 -23.19 12.84
C LEU D 239 -22.97 -22.72 12.20
N LEU D 240 -23.03 -22.36 10.92
CA LEU D 240 -21.85 -21.88 10.20
C LEU D 240 -21.34 -20.57 10.80
N SER D 241 -22.25 -19.73 11.29
CA SER D 241 -21.82 -18.52 11.97
C SER D 241 -21.04 -18.86 13.23
N ALA D 242 -21.51 -19.84 13.99
CA ALA D 242 -20.78 -20.30 15.17
C ALA D 242 -19.40 -20.86 14.78
N LEU D 243 -19.35 -21.57 13.67
CA LEU D 243 -18.12 -22.18 13.19
C LEU D 243 -17.08 -21.14 12.79
N SER D 244 -17.52 -19.92 12.49
CA SER D 244 -16.62 -18.88 12.00
C SER D 244 -15.75 -18.26 13.10
N VAL D 245 -15.88 -18.75 14.32
CA VAL D 245 -15.12 -18.25 15.48
C VAL D 245 -13.60 -18.26 15.29
N ASP D 246 -13.09 -19.16 14.44
CA ASP D 246 -11.65 -19.16 14.15
C ASP D 246 -11.38 -19.82 12.79
N ILE D 247 -10.12 -19.90 12.42
CA ILE D 247 -9.70 -20.40 11.10
C ILE D 247 -9.89 -21.91 11.01
N ASN D 248 -10.59 -22.36 9.98
CA ASN D 248 -10.75 -23.78 9.74
C ASN D 248 -9.37 -24.44 9.60
N PRO D 249 -9.17 -25.64 10.16
CA PRO D 249 -10.08 -26.50 10.92
C PRO D 249 -10.07 -26.38 12.44
N ILE D 250 -9.67 -25.24 12.99
CA ILE D 250 -9.69 -25.09 14.44
C ILE D 250 -11.11 -25.33 15.02
N PRO D 251 -12.14 -24.66 14.47
CA PRO D 251 -13.48 -24.93 15.01
C PRO D 251 -14.09 -26.29 14.66
N ILE D 252 -13.97 -26.75 13.41
CA ILE D 252 -14.64 -28.00 13.03
C ILE D 252 -14.14 -29.18 13.87
N LYS D 253 -12.88 -29.15 14.27
CA LYS D 253 -12.35 -30.24 15.08
C LYS D 253 -12.91 -30.27 16.52
N ALA D 254 -13.46 -29.14 16.99
CA ALA D 254 -14.23 -29.12 18.23
C ALA D 254 -15.46 -30.00 18.09
N LEU D 255 -16.02 -30.06 16.88
CA LEU D 255 -17.22 -30.85 16.63
C LEU D 255 -16.92 -32.30 16.24
N THR D 256 -15.92 -32.55 15.42
CA THR D 256 -15.59 -33.94 15.10
C THR D 256 -15.19 -34.68 16.38
N SER D 257 -14.41 -34.05 17.25
CA SER D 257 -14.03 -34.69 18.51
C SER D 257 -15.26 -34.90 19.38
N TYR D 258 -16.19 -33.95 19.35
CA TYR D 258 -17.44 -34.07 20.11
C TYR D 258 -18.25 -35.30 19.67
N LEU D 259 -18.17 -35.63 18.39
CA LEU D 259 -18.87 -36.80 17.85
C LEU D 259 -18.08 -38.09 18.06
N GLY D 260 -16.96 -38.01 18.77
CA GLY D 260 -16.17 -39.19 19.13
C GLY D 260 -15.03 -39.53 18.19
N PHE D 261 -14.71 -38.62 17.26
CA PHE D 261 -13.65 -38.87 16.29
C PHE D 261 -12.38 -38.15 16.73
N GLY D 262 -11.52 -38.88 17.42
CA GLY D 262 -10.29 -38.32 17.93
C GLY D 262 -10.50 -37.37 19.09
N ASN D 263 -9.40 -36.89 19.65
CA ASN D 263 -9.45 -35.86 20.68
C ASN D 263 -9.47 -34.48 20.03
N TYR D 264 -9.78 -33.46 20.82
CA TYR D 264 -9.79 -32.11 20.27
C TYR D 264 -8.37 -31.57 20.28
N GLU D 265 -7.65 -31.95 19.23
CA GLU D 265 -6.24 -31.65 19.11
C GLU D 265 -5.94 -31.19 17.70
N LEU D 266 -5.22 -30.07 17.60
CA LEU D 266 -4.71 -29.55 16.34
C LEU D 266 -3.20 -29.63 16.41
N ARG D 267 -2.55 -29.84 15.27
CA ARG D 267 -1.10 -29.87 15.23
C ARG D 267 -0.56 -28.48 14.96
N LEU D 268 0.47 -28.09 15.68
CA LEU D 268 1.08 -26.78 15.51
C LEU D 268 1.50 -26.58 14.05
N PRO D 269 1.30 -25.37 13.53
CA PRO D 269 0.97 -24.11 14.22
C PRO D 269 -0.49 -23.87 14.59
N LEU D 270 -1.41 -24.74 14.19
CA LEU D 270 -2.79 -24.58 14.63
C LEU D 270 -2.91 -24.91 16.11
N VAL D 271 -3.94 -24.37 16.74
CA VAL D 271 -4.23 -24.65 18.15
C VAL D 271 -5.74 -24.81 18.31
N SER D 272 -6.13 -25.50 19.37
CA SER D 272 -7.54 -25.68 19.69
C SER D 272 -8.13 -24.38 20.18
N LEU D 273 -9.46 -24.26 20.07
CA LEU D 273 -10.17 -23.18 20.71
C LEU D 273 -9.98 -23.31 22.22
N GLU D 274 -10.11 -22.19 22.91
CA GLU D 274 -10.12 -22.17 24.36
C GLU D 274 -11.44 -22.76 24.87
N ASP D 275 -11.46 -23.18 26.12
CA ASP D 275 -12.61 -23.91 26.70
C ASP D 275 -13.96 -23.25 26.46
N THR D 276 -14.05 -21.95 26.75
CA THR D 276 -15.31 -21.25 26.64
C THR D 276 -15.83 -21.30 25.21
N ASP D 277 -14.96 -21.03 24.24
CA ASP D 277 -15.36 -21.03 22.84
C ASP D 277 -15.71 -22.44 22.37
N THR D 278 -15.00 -23.44 22.88
CA THR D 278 -15.32 -24.83 22.54
C THR D 278 -16.73 -25.18 22.98
N LYS D 279 -17.07 -24.79 24.21
CA LYS D 279 -18.38 -25.07 24.79
C LYS D 279 -19.48 -24.40 23.97
N VAL D 280 -19.28 -23.13 23.62
CA VAL D 280 -20.27 -22.38 22.84
C VAL D 280 -20.50 -23.02 21.47
N LEU D 281 -19.42 -23.47 20.83
CA LEU D 281 -19.55 -24.05 19.51
C LEU D 281 -20.26 -25.40 19.57
N ARG D 282 -19.90 -26.21 20.54
CA ARG D 282 -20.59 -27.49 20.74
C ARG D 282 -22.05 -27.29 21.09
N GLU D 283 -22.35 -26.26 21.86
CA GLU D 283 -23.74 -25.92 22.17
C GLU D 283 -24.49 -25.51 20.91
N ALA D 284 -23.83 -24.80 20.01
CA ALA D 284 -24.43 -24.41 18.73
C ALA D 284 -24.73 -25.65 17.89
N TYR D 285 -23.83 -26.62 17.91
CA TYR D 285 -24.07 -27.87 17.22
C TYR D 285 -25.28 -28.58 17.82
N ASP D 286 -25.32 -28.68 19.14
CA ASP D 286 -26.45 -29.32 19.83
C ASP D 286 -27.76 -28.59 19.52
N THR D 287 -27.71 -27.28 19.48
CA THR D 287 -28.90 -26.49 19.17
C THR D 287 -29.38 -26.80 17.76
N PHE D 288 -28.45 -26.93 16.82
CA PHE D 288 -28.82 -27.28 15.46
C PHE D 288 -29.52 -28.63 15.43
N LYS D 289 -28.93 -29.62 16.08
CA LYS D 289 -29.48 -30.96 16.06
C LYS D 289 -30.85 -31.01 16.74
N ALA D 290 -31.00 -30.30 17.85
CA ALA D 290 -32.28 -30.25 18.58
C ALA D 290 -33.40 -29.71 17.70
N GLY D 291 -33.07 -28.76 16.84
CA GLY D 291 -34.06 -28.00 16.08
C GLY D 291 -34.63 -28.81 14.92
N GLU D 292 -33.95 -29.89 14.57
CA GLU D 292 -34.45 -30.83 13.55
C GLU D 292 -35.51 -31.74 14.16
CL CL E . 5.71 31.15 -21.18
C1 GOL F . 2.76 15.66 -13.21
O1 GOL F . 2.32 15.81 -14.54
C2 GOL F . 4.07 16.42 -12.97
O2 GOL F . 4.36 16.36 -11.59
C3 GOL F . 3.99 17.88 -13.42
O3 GOL F . 5.21 18.55 -13.16
C1 GOL G . -4.70 22.86 -11.63
O1 GOL G . -3.32 23.12 -11.39
C2 GOL G . -4.85 21.48 -12.25
O2 GOL G . -4.27 21.45 -13.53
C3 GOL G . -6.31 21.12 -12.45
O3 GOL G . -6.87 20.55 -11.30
CL CL H . -15.76 20.97 16.52
C1 GOL I . -2.29 16.43 10.69
O1 GOL I . -3.28 15.45 10.41
C2 GOL I . -0.91 15.82 10.54
O2 GOL I . -0.77 15.29 9.24
C3 GOL I . 0.19 16.84 10.75
O3 GOL I . 0.15 17.38 12.05
C1 GOL J . -1.04 26.97 8.27
O1 GOL J . -0.28 27.09 7.10
C2 GOL J . -1.99 25.78 8.21
O2 GOL J . -1.28 24.64 7.82
C3 GOL J . -3.13 26.04 7.24
O3 GOL J . -3.96 24.90 7.14
CL CL K . 21.90 -16.00 -8.18
C1 GOL L . 9.39 -10.77 -0.93
O1 GOL L . 9.14 -10.75 -2.32
C2 GOL L . 8.38 -9.87 -0.22
O2 GOL L . 7.07 -10.26 -0.59
C3 GOL L . 8.47 -9.96 1.29
O3 GOL L . 9.62 -9.36 1.83
C1 GOL M . 11.59 -19.28 4.15
O1 GOL M . 11.34 -18.91 2.80
C2 GOL M . 11.56 -18.02 5.01
O2 GOL M . 12.57 -17.13 4.60
C3 GOL M . 11.82 -18.36 6.47
O3 GOL M . 10.65 -18.77 7.12
C1 GOL N . 16.77 13.62 8.62
O1 GOL N . 17.35 14.69 7.89
C2 GOL N . 16.85 12.30 7.85
O2 GOL N . 16.33 11.26 8.64
C3 GOL N . 16.07 12.39 6.54
O3 GOL N . 16.32 11.27 5.70
CL CL O . -11.79 -36.51 12.57
C1 GOL P . -11.49 -23.08 1.22
O1 GOL P . -12.39 -24.12 0.90
C2 GOL P . -11.51 -22.80 2.72
O2 GOL P . -10.58 -21.77 2.99
C3 GOL P . -11.16 -24.03 3.55
O3 GOL P . -11.20 -23.69 4.91
C1 GOL Q . -4.73 -29.89 -2.56
O1 GOL Q . -3.67 -29.24 -3.23
C2 GOL Q . -4.90 -29.32 -1.17
O2 GOL Q . -6.20 -29.67 -0.75
C3 GOL Q . -3.85 -29.90 -0.22
O3 GOL Q . -4.00 -29.40 1.10
#